data_9JWC
#
_entry.id   9JWC
#
_cell.length_a   115.102
_cell.length_b   92.000
_cell.length_c   81.586
_cell.angle_alpha   90.00
_cell.angle_beta   126.05
_cell.angle_gamma   90.00
#
_symmetry.space_group_name_H-M   'C 1 2 1'
#
loop_
_entity.id
_entity.type
_entity.pdbx_description
1 polymer 'cysteine-S-conjugate beta-lyase'
2 non-polymer ALLIIN
3 non-polymer "PYRIDOXAL-5'-PHOSPHATE"
4 water water
#
_entity_poly.entity_id   1
_entity_poly.type   'polypeptide(L)'
_entity_poly.pdbx_seq_one_letter_code
;MAEKQYDFTHVPKRQGNSIKWGGLKEKELPMWIAEMDFRIAPEIMTSMEEKLKVAAFGYESVPAEYYKAVADWEEIEHRA
RPKEDWCVFASGVVPAISAMVRQFTSPGDQILVQEPVYNMFYSVIEGNGRRVISSDLIYENSKYSVNWADLEEKLATPSV
RMMVFCNPHNPIGYAWSEEEVKRIAELCAKHQVLLISDEIHGDLVLTDEDITPAFTVDWDAKNWVVSLISPSKTFNLAAL
HAACAIIPNPDLRARAEESFFLAGIGEPNLLAIPAAIAAYEEGHNWLRELKQVLRDNFAYAREFLAKEVPEVKVLDSNAS
YLAWVDISALGMNAEDFCKYLREKTGLIISAGNGYRGNGHEFVRINLACPKELVIDGMQRLKQGVLNLNN
;
_entity_poly.pdbx_strand_id   A,B
#
loop_
_chem_comp.id
_chem_comp.type
_chem_comp.name
_chem_comp.formula
OO0 non-polymer ALLIIN 'C6 H11 N O3 S'
PLP non-polymer PYRIDOXAL-5'-PHOSPHATE 'C8 H10 N O6 P'
#
# COMPACT_ATOMS: atom_id res chain seq x y z
N GLN A 5 25.54 21.64 -2.57
CA GLN A 5 25.07 21.26 -3.91
C GLN A 5 23.54 21.22 -3.94
N TYR A 6 22.89 21.30 -2.78
CA TYR A 6 21.44 21.08 -2.79
C TYR A 6 20.68 22.20 -2.09
N ASP A 7 19.38 22.26 -2.37
CA ASP A 7 18.51 23.35 -1.91
C ASP A 7 17.86 22.96 -0.59
N PHE A 8 18.36 23.53 0.51
CA PHE A 8 17.71 23.40 1.81
C PHE A 8 17.14 24.74 2.28
N THR A 9 16.82 25.62 1.35
CA THR A 9 16.36 26.98 1.66
C THR A 9 14.90 27.19 1.32
N HIS A 10 14.41 26.57 0.27
CA HIS A 10 13.09 26.92 -0.26
C HIS A 10 12.13 25.77 -0.01
N VAL A 11 10.97 26.10 0.53
CA VAL A 11 9.97 25.09 0.89
C VAL A 11 9.24 24.64 -0.37
N PRO A 12 9.09 23.35 -0.59
CA PRO A 12 8.33 22.88 -1.75
C PRO A 12 6.88 23.33 -1.70
N LYS A 13 6.35 23.69 -2.85
CA LYS A 13 4.96 24.12 -3.01
C LYS A 13 4.11 22.86 -3.17
N ARG A 14 3.42 22.45 -2.11
CA ARG A 14 2.62 21.23 -2.20
C ARG A 14 1.31 21.50 -2.96
N GLN A 15 0.72 20.41 -3.44
CA GLN A 15 -0.67 20.46 -3.87
C GLN A 15 -1.58 20.53 -2.64
N GLY A 16 -2.88 20.70 -2.90
CA GLY A 16 -3.80 21.11 -1.85
C GLY A 16 -4.07 20.05 -0.79
N ASN A 17 -3.94 18.77 -1.14
CA ASN A 17 -4.26 17.68 -0.22
C ASN A 17 -3.06 17.29 0.66
N SER A 18 -2.24 18.25 1.08
CA SER A 18 -1.11 17.99 1.96
C SER A 18 -1.57 17.96 3.43
N ILE A 19 -1.14 16.96 4.17
CA ILE A 19 -1.46 16.92 5.59
C ILE A 19 -0.76 18.04 6.34
N LYS A 20 0.52 18.28 6.03
CA LYS A 20 1.27 19.26 6.80
C LYS A 20 0.82 20.68 6.49
N TRP A 21 0.54 20.97 5.22
CA TRP A 21 0.33 22.32 4.77
C TRP A 21 -1.07 22.60 4.23
N GLY A 22 -1.88 21.56 4.02
CA GLY A 22 -3.20 21.78 3.46
C GLY A 22 -4.15 22.36 4.49
N GLY A 23 -5.01 23.27 4.03
CA GLY A 23 -6.06 23.81 4.87
C GLY A 23 -5.56 24.57 6.08
N LEU A 24 -4.37 25.15 5.98
CA LEU A 24 -3.89 26.01 7.05
C LEU A 24 -4.51 27.39 6.91
N LYS A 25 -4.63 28.09 8.03
CA LYS A 25 -4.94 29.50 8.00
C LYS A 25 -3.72 30.28 7.55
N GLU A 26 -3.95 31.56 7.24
CA GLU A 26 -2.90 32.43 6.75
C GLU A 26 -1.72 32.46 7.72
N LYS A 27 -0.51 32.29 7.18
CA LYS A 27 0.75 32.42 7.89
C LYS A 27 0.94 31.38 9.01
N GLU A 28 0.07 30.37 9.11
CA GLU A 28 0.32 29.33 10.08
C GLU A 28 1.59 28.56 9.71
N LEU A 29 2.31 28.11 10.73
CA LEU A 29 3.60 27.48 10.53
C LEU A 29 3.57 26.08 11.13
N PRO A 30 3.40 25.04 10.32
CA PRO A 30 3.34 23.66 10.84
C PRO A 30 4.75 23.12 11.05
N MET A 31 5.02 22.68 12.28
CA MET A 31 6.26 22.02 12.67
C MET A 31 5.95 20.79 13.50
N TRP A 32 4.87 20.09 13.16
CA TRP A 32 4.41 18.97 13.97
C TRP A 32 4.72 17.65 13.26
N ILE A 33 3.97 17.32 12.21
CA ILE A 33 4.10 16.03 11.55
C ILE A 33 5.49 15.88 10.94
N ALA A 34 6.03 14.66 10.99
CA ALA A 34 7.42 14.41 10.55
C ALA A 34 7.44 14.19 9.04
N GLU A 35 7.40 15.30 8.33
CA GLU A 35 7.83 15.36 6.95
C GLU A 35 8.63 16.65 6.79
N MET A 36 9.56 16.66 5.85
CA MET A 36 10.46 17.80 5.74
C MET A 36 9.86 18.88 4.86
N ASP A 37 10.37 20.10 5.05
CA ASP A 37 10.04 21.18 4.14
C ASP A 37 11.25 21.49 3.27
N PHE A 38 11.87 20.42 2.76
CA PHE A 38 12.93 20.47 1.78
C PHE A 38 12.54 19.65 0.55
N ARG A 39 12.95 20.15 -0.63
CA ARG A 39 13.06 19.37 -1.85
C ARG A 39 13.76 18.04 -1.62
N ILE A 40 13.29 16.97 -2.30
CA ILE A 40 14.02 15.72 -2.22
C ILE A 40 15.29 15.79 -3.06
N ALA A 41 16.17 14.83 -2.84
CA ALA A 41 17.41 14.74 -3.56
C ALA A 41 17.15 14.67 -5.06
N PRO A 42 17.84 15.45 -5.89
CA PRO A 42 17.60 15.39 -7.34
C PRO A 42 17.84 14.00 -7.91
N GLU A 43 18.77 13.24 -7.33
CA GLU A 43 19.06 11.89 -7.81
C GLU A 43 17.85 10.97 -7.64
N ILE A 44 17.03 11.21 -6.63
CA ILE A 44 15.80 10.44 -6.49
C ILE A 44 14.77 10.91 -7.49
N MET A 45 14.64 12.24 -7.63
CA MET A 45 13.71 12.81 -8.58
C MET A 45 13.98 12.28 -9.98
N THR A 46 15.26 12.22 -10.37
CA THR A 46 15.65 11.71 -11.69
C THR A 46 15.10 10.31 -11.93
N SER A 47 15.23 9.43 -10.93
CA SER A 47 14.74 8.07 -11.11
C SER A 47 13.22 8.02 -11.20
N MET A 48 12.51 8.89 -10.46
CA MET A 48 11.06 8.90 -10.57
C MET A 48 10.62 9.38 -11.95
N GLU A 49 11.24 10.46 -12.42
CA GLU A 49 10.89 11.02 -13.72
C GLU A 49 11.09 9.99 -14.83
N GLU A 50 12.20 9.26 -14.79
CA GLU A 50 12.48 8.28 -15.83
C GLU A 50 11.53 7.09 -15.74
N LYS A 51 11.14 6.68 -14.52
CA LYS A 51 10.18 5.60 -14.38
C LYS A 51 8.83 5.98 -14.98
N LEU A 52 8.41 7.24 -14.80
CA LEU A 52 7.14 7.66 -15.36
C LEU A 52 7.14 7.61 -16.88
N LYS A 53 8.32 7.75 -17.49
CA LYS A 53 8.41 7.70 -18.95
C LYS A 53 8.04 6.32 -19.51
N VAL A 54 8.05 5.27 -18.68
CA VAL A 54 7.56 3.97 -19.15
C VAL A 54 6.16 4.12 -19.73
N ALA A 55 5.34 4.98 -19.11
CA ALA A 55 4.00 5.32 -19.60
C ALA A 55 3.04 4.14 -19.55
N ALA A 56 3.32 3.17 -18.68
CA ALA A 56 2.44 2.04 -18.41
C ALA A 56 2.88 1.46 -17.09
N PHE A 57 1.93 1.16 -16.22
CA PHE A 57 2.26 0.85 -14.84
C PHE A 57 1.56 -0.43 -14.40
N GLY A 58 2.01 -1.53 -15.00
CA GLY A 58 1.55 -2.85 -14.62
C GLY A 58 2.29 -3.36 -13.40
N TYR A 59 2.25 -4.67 -13.23
CA TYR A 59 2.71 -5.28 -12.00
C TYR A 59 4.24 -5.27 -11.91
N GLU A 60 4.74 -5.07 -10.69
CA GLU A 60 6.17 -5.00 -10.47
C GLU A 60 6.62 -6.04 -9.48
N SER A 61 7.78 -6.63 -9.76
CA SER A 61 8.49 -7.48 -8.84
C SER A 61 9.41 -6.64 -7.97
N VAL A 62 9.86 -7.22 -6.86
CA VAL A 62 10.95 -6.65 -6.09
C VAL A 62 12.24 -7.24 -6.64
N PRO A 63 13.08 -6.48 -7.33
CA PRO A 63 14.32 -7.03 -7.88
C PRO A 63 15.36 -7.14 -6.76
N ALA A 64 16.32 -8.05 -6.93
CA ALA A 64 17.25 -8.05 -5.80
C ALA A 64 18.27 -6.93 -5.91
N GLU A 65 18.23 -6.13 -6.97
CA GLU A 65 18.89 -4.83 -6.93
C GLU A 65 18.34 -3.99 -5.78
N TYR A 66 17.05 -4.17 -5.48
CA TYR A 66 16.49 -3.48 -4.33
C TYR A 66 17.14 -3.97 -3.05
N TYR A 67 17.24 -5.29 -2.90
CA TYR A 67 17.86 -5.87 -1.72
C TYR A 67 19.34 -5.54 -1.66
N LYS A 68 20.01 -5.53 -2.83
CA LYS A 68 21.42 -5.16 -2.84
C LYS A 68 21.61 -3.70 -2.45
N ALA A 69 20.73 -2.81 -2.93
CA ALA A 69 20.84 -1.39 -2.58
C ALA A 69 20.60 -1.18 -1.09
N VAL A 70 19.65 -1.90 -0.53
CA VAL A 70 19.41 -1.86 0.91
C VAL A 70 20.65 -2.32 1.69
N ALA A 71 21.22 -3.46 1.30
CA ALA A 71 22.37 -3.99 2.01
C ALA A 71 23.55 -3.02 1.93
N ASP A 72 23.82 -2.52 0.73
CA ASP A 72 24.88 -1.54 0.53
C ASP A 72 24.65 -0.29 1.38
N TRP A 73 23.42 0.23 1.38
CA TRP A 73 23.13 1.42 2.16
C TRP A 73 23.40 1.20 3.65
N GLU A 74 22.87 0.09 4.19
CA GLU A 74 23.12 -0.21 5.58
C GLU A 74 24.61 -0.29 5.86
N GLU A 75 25.37 -0.88 4.95
CA GLU A 75 26.80 -0.98 5.16
C GLU A 75 27.45 0.40 5.16
N ILE A 76 27.08 1.25 4.21
CA ILE A 76 27.75 2.55 4.14
C ILE A 76 27.34 3.45 5.29
N GLU A 77 26.04 3.45 5.64
CA GLU A 77 25.51 4.39 6.62
C GLU A 77 25.70 3.91 8.06
N HIS A 78 25.55 2.61 8.33
CA HIS A 78 25.64 2.11 9.69
C HIS A 78 26.82 1.18 9.90
N ARG A 79 27.57 0.87 8.85
CA ARG A 79 28.63 -0.13 8.85
C ARG A 79 28.08 -1.54 9.08
N ALA A 80 26.77 -1.71 9.05
CA ALA A 80 26.11 -2.99 9.31
C ALA A 80 25.60 -3.52 7.97
N ARG A 81 25.81 -4.80 7.69
CA ARG A 81 25.37 -5.33 6.41
C ARG A 81 24.44 -6.52 6.59
N PRO A 82 23.17 -6.41 6.22
CA PRO A 82 22.29 -7.58 6.26
C PRO A 82 22.55 -8.46 5.05
N LYS A 83 22.28 -9.74 5.22
CA LYS A 83 22.18 -10.62 4.07
C LYS A 83 20.99 -10.21 3.23
N GLU A 84 21.18 -10.17 1.91
CA GLU A 84 20.08 -9.79 1.02
C GLU A 84 18.87 -10.68 1.21
N ASP A 85 19.10 -11.96 1.52
CA ASP A 85 18.02 -12.92 1.74
C ASP A 85 17.10 -12.52 2.89
N TRP A 86 17.62 -11.81 3.87
CA TRP A 86 16.84 -11.39 5.02
C TRP A 86 15.79 -10.35 4.68
N CYS A 87 15.88 -9.74 3.50
CA CYS A 87 15.17 -8.51 3.21
C CYS A 87 13.85 -8.83 2.54
N VAL A 88 12.79 -8.16 3.01
CA VAL A 88 11.45 -8.32 2.47
C VAL A 88 10.85 -6.94 2.24
N PHE A 89 10.44 -6.67 1.00
CA PHE A 89 9.78 -5.41 0.72
C PHE A 89 8.49 -5.28 1.53
N ALA A 90 8.25 -4.08 2.03
CA ALA A 90 6.95 -3.72 2.59
C ALA A 90 6.67 -2.28 2.18
N SER A 91 5.40 -1.93 2.05
CA SER A 91 5.07 -0.58 1.63
C SER A 91 5.20 0.42 2.76
N GLY A 92 5.34 -0.04 4.00
CA GLY A 92 5.43 0.89 5.10
C GLY A 92 5.84 0.22 6.38
N VAL A 93 6.48 0.97 7.26
CA VAL A 93 6.97 0.41 8.51
C VAL A 93 5.83 0.14 9.47
N VAL A 94 4.97 1.14 9.67
CA VAL A 94 3.83 0.98 10.58
C VAL A 94 2.89 -0.12 10.09
N PRO A 95 2.51 -0.17 8.81
CA PRO A 95 1.69 -1.32 8.37
C PRO A 95 2.39 -2.67 8.54
N ALA A 96 3.72 -2.70 8.42
CA ALA A 96 4.43 -3.96 8.65
C ALA A 96 4.34 -4.38 10.12
N ILE A 97 4.47 -3.42 11.03
CA ILE A 97 4.24 -3.70 12.45
C ILE A 97 2.84 -4.24 12.65
N SER A 98 1.86 -3.54 12.07
CA SER A 98 0.46 -3.93 12.26
C SER A 98 0.23 -5.36 11.76
N ALA A 99 0.79 -5.69 10.60
CA ALA A 99 0.70 -7.06 10.09
C ALA A 99 1.40 -8.06 11.01
N MET A 100 2.56 -7.69 11.55
CA MET A 100 3.27 -8.64 12.41
C MET A 100 2.63 -8.78 13.77
N VAL A 101 1.99 -7.71 14.26
CA VAL A 101 1.15 -7.82 15.44
C VAL A 101 0.08 -8.88 15.23
N ARG A 102 -0.60 -8.85 14.08
CA ARG A 102 -1.64 -9.83 13.81
C ARG A 102 -1.07 -11.23 13.59
N GLN A 103 0.09 -11.33 12.94
CA GLN A 103 0.64 -12.64 12.61
C GLN A 103 1.30 -13.32 13.81
N PHE A 104 1.97 -12.55 14.65
CA PHE A 104 2.86 -13.14 15.65
C PHE A 104 2.37 -13.03 17.08
N THR A 105 1.20 -12.44 17.32
CA THR A 105 0.60 -12.39 18.64
C THR A 105 -0.88 -12.70 18.50
N SER A 106 -1.53 -12.95 19.63
CA SER A 106 -2.96 -13.20 19.63
C SER A 106 -3.71 -12.04 20.23
N PRO A 107 -4.98 -11.85 19.87
CA PRO A 107 -5.79 -10.81 20.51
C PRO A 107 -5.71 -10.96 22.03
N GLY A 108 -5.49 -9.85 22.73
CA GLY A 108 -5.36 -9.85 24.16
C GLY A 108 -3.94 -9.99 24.66
N ASP A 109 -3.02 -10.46 23.83
CA ASP A 109 -1.62 -10.53 24.22
C ASP A 109 -1.09 -9.13 24.49
N GLN A 110 -0.06 -9.07 25.31
CA GLN A 110 0.60 -7.82 25.64
C GLN A 110 1.78 -7.62 24.72
N ILE A 111 2.01 -6.37 24.32
CA ILE A 111 3.12 -5.98 23.46
C ILE A 111 3.83 -4.83 24.14
N LEU A 112 5.13 -4.98 24.34
CA LEU A 112 5.88 -4.05 25.18
C LEU A 112 6.45 -2.91 24.34
N VAL A 113 6.30 -1.69 24.84
CA VAL A 113 6.96 -0.51 24.28
C VAL A 113 7.66 0.18 25.43
N GLN A 114 8.45 1.20 25.11
CA GLN A 114 9.16 2.00 26.11
C GLN A 114 8.64 3.42 25.98
N GLU A 115 7.63 3.77 26.81
CA GLU A 115 7.06 5.11 26.77
C GLU A 115 8.05 6.14 27.32
N PRO A 116 8.02 7.38 26.80
CA PRO A 116 7.17 7.87 25.73
C PRO A 116 7.68 7.41 24.39
N VAL A 117 6.74 7.03 23.55
CA VAL A 117 7.17 6.49 22.26
C VAL A 117 6.15 6.90 21.24
N TYR A 118 6.58 6.84 19.96
CA TYR A 118 5.72 7.08 18.78
C TYR A 118 4.27 6.62 18.98
N ASN A 119 3.40 7.61 18.83
CA ASN A 119 1.96 7.31 19.02
C ASN A 119 1.41 6.18 18.15
N MET A 120 1.93 6.03 16.95
CA MET A 120 1.35 5.01 16.09
C MET A 120 1.65 3.60 16.59
N PHE A 121 2.66 3.41 17.45
CA PHE A 121 2.82 2.12 18.12
C PHE A 121 1.56 1.75 18.87
N TYR A 122 1.00 2.70 19.62
CA TYR A 122 -0.23 2.41 20.37
C TYR A 122 -1.39 2.13 19.43
N SER A 123 -1.48 2.89 18.33
CA SER A 123 -2.57 2.70 17.40
C SER A 123 -2.56 1.29 16.82
N VAL A 124 -1.39 0.81 16.40
CA VAL A 124 -1.37 -0.50 15.78
C VAL A 124 -1.45 -1.63 16.80
N ILE A 125 -0.98 -1.40 18.03
CA ILE A 125 -1.13 -2.45 19.05
C ILE A 125 -2.58 -2.53 19.51
N GLU A 126 -3.12 -1.40 19.98
CA GLU A 126 -4.47 -1.37 20.53
C GLU A 126 -5.53 -1.50 19.44
N GLY A 127 -5.27 -0.92 18.27
CA GLY A 127 -6.22 -1.03 17.17
C GLY A 127 -6.40 -2.47 16.73
N ASN A 128 -5.37 -3.30 16.87
CA ASN A 128 -5.48 -4.70 16.56
C ASN A 128 -5.95 -5.54 17.75
N GLY A 129 -6.31 -4.92 18.87
CA GLY A 129 -6.78 -5.69 20.00
C GLY A 129 -5.69 -6.39 20.77
N ARG A 130 -4.49 -5.84 20.78
CA ARG A 130 -3.46 -6.25 21.70
C ARG A 130 -3.34 -5.16 22.76
N ARG A 131 -2.68 -5.49 23.86
CA ARG A 131 -2.61 -4.58 24.99
C ARG A 131 -1.19 -4.03 25.12
N VAL A 132 -1.09 -2.71 25.17
CA VAL A 132 0.20 -2.08 25.38
C VAL A 132 0.65 -2.31 26.82
N ILE A 133 1.87 -2.79 26.98
CA ILE A 133 2.55 -2.71 28.27
C ILE A 133 3.82 -1.89 28.06
N SER A 134 4.14 -1.01 29.01
CA SER A 134 5.33 -0.19 28.88
C SER A 134 6.28 -0.47 30.04
N SER A 135 7.55 -0.62 29.72
CA SER A 135 8.61 -0.36 30.69
C SER A 135 9.00 1.08 30.44
N ASP A 136 8.44 2.00 31.23
CA ASP A 136 8.67 3.42 31.01
C ASP A 136 10.15 3.73 31.04
N LEU A 137 10.59 4.57 30.11
CA LEU A 137 11.94 5.13 30.23
C LEU A 137 12.00 6.04 31.44
N ILE A 138 13.04 5.87 32.25
CA ILE A 138 13.24 6.72 33.42
C ILE A 138 13.69 8.09 32.94
N TYR A 139 13.00 9.14 33.39
CA TYR A 139 13.37 10.51 33.03
C TYR A 139 13.93 11.20 34.26
N GLU A 140 15.24 11.36 34.28
CA GLU A 140 15.93 12.03 35.38
C GLU A 140 17.04 12.86 34.78
N ASN A 141 17.18 14.09 35.29
CA ASN A 141 18.23 15.00 34.88
C ASN A 141 18.27 15.15 33.35
N SER A 142 17.10 15.43 32.79
CA SER A 142 16.94 15.73 31.37
C SER A 142 17.38 14.58 30.47
N LYS A 143 17.50 13.36 31.00
CA LYS A 143 17.90 12.22 30.21
C LYS A 143 16.98 11.04 30.47
N TYR A 144 16.73 10.26 29.44
CA TYR A 144 15.94 9.04 29.54
C TYR A 144 16.85 7.83 29.67
N SER A 145 16.46 6.88 30.53
CA SER A 145 17.22 5.66 30.69
C SER A 145 16.28 4.47 30.88
N VAL A 146 16.83 3.27 30.67
CA VAL A 146 16.10 2.02 30.81
C VAL A 146 16.20 1.51 32.23
N ASN A 147 15.07 1.08 32.80
CA ASN A 147 15.08 0.29 34.03
C ASN A 147 15.19 -1.16 33.61
N TRP A 148 16.41 -1.70 33.66
CA TRP A 148 16.63 -3.01 33.06
C TRP A 148 15.90 -4.10 33.82
N ALA A 149 15.80 -3.97 35.15
CA ALA A 149 15.06 -4.94 35.94
C ALA A 149 13.58 -4.93 35.55
N ASP A 150 13.00 -3.74 35.47
CA ASP A 150 11.60 -3.59 35.08
C ASP A 150 11.35 -4.14 33.68
N LEU A 151 12.21 -3.78 32.73
CA LEU A 151 12.08 -4.26 31.37
C LEU A 151 12.05 -5.78 31.33
N GLU A 152 12.99 -6.43 32.02
CA GLU A 152 13.05 -7.88 31.93
C GLU A 152 11.86 -8.52 32.63
N GLU A 153 11.44 -7.95 33.76
CA GLU A 153 10.29 -8.50 34.47
C GLU A 153 9.05 -8.50 33.59
N LYS A 154 8.87 -7.45 32.79
CA LYS A 154 7.72 -7.39 31.91
C LYS A 154 7.92 -8.29 30.70
N LEU A 155 9.12 -8.30 30.11
CA LEU A 155 9.38 -9.21 28.99
C LEU A 155 9.17 -10.66 29.39
N ALA A 156 9.48 -11.01 30.63
CA ALA A 156 9.30 -12.37 31.10
C ALA A 156 7.85 -12.72 31.40
N THR A 157 6.95 -11.75 31.37
CA THR A 157 5.55 -12.04 31.59
C THR A 157 5.04 -12.92 30.45
N PRO A 158 4.39 -14.06 30.74
CA PRO A 158 4.02 -14.96 29.66
C PRO A 158 3.18 -14.32 28.58
N SER A 159 2.23 -13.44 28.93
CA SER A 159 1.36 -12.83 27.93
C SER A 159 2.04 -11.69 27.18
N VAL A 160 3.26 -11.31 27.54
CA VAL A 160 4.02 -10.32 26.77
C VAL A 160 4.75 -11.07 25.69
N ARG A 161 4.34 -10.87 24.43
CA ARG A 161 4.75 -11.74 23.33
C ARG A 161 5.62 -11.04 22.30
N MET A 162 5.69 -9.72 22.34
CA MET A 162 6.38 -8.94 21.34
C MET A 162 6.85 -7.66 22.01
N MET A 163 7.96 -7.12 21.54
CA MET A 163 8.43 -5.80 21.92
C MET A 163 8.61 -5.00 20.66
N VAL A 164 7.97 -3.82 20.61
CA VAL A 164 8.13 -2.91 19.50
C VAL A 164 9.09 -1.84 19.98
N PHE A 165 10.29 -1.90 19.42
CA PHE A 165 11.46 -1.15 19.86
C PHE A 165 11.71 -0.06 18.84
N CYS A 166 11.83 1.18 19.30
CA CYS A 166 12.04 2.32 18.41
C CYS A 166 13.52 2.66 18.43
N ASN A 167 14.19 2.47 17.30
CA ASN A 167 15.65 2.46 17.28
C ASN A 167 16.18 3.12 16.01
N PRO A 168 16.46 4.43 16.03
CA PRO A 168 16.42 5.39 17.15
C PRO A 168 15.01 5.68 17.66
N HIS A 169 14.95 6.13 18.91
CA HIS A 169 13.70 6.29 19.63
C HIS A 169 13.08 7.65 19.33
N ASN A 170 11.91 7.62 18.68
CA ASN A 170 10.99 8.75 18.52
C ASN A 170 10.00 8.73 19.66
N PRO A 171 9.79 9.84 20.39
CA PRO A 171 10.15 11.21 20.06
C PRO A 171 11.42 11.77 20.70
N ILE A 172 12.09 10.98 21.55
CA ILE A 172 13.22 11.54 22.31
C ILE A 172 14.46 11.71 21.45
N GLY A 173 14.53 11.10 20.28
CA GLY A 173 15.64 11.27 19.36
C GLY A 173 16.92 10.58 19.80
N TYR A 174 16.82 9.34 20.26
CA TYR A 174 17.95 8.65 20.86
C TYR A 174 18.30 7.39 20.07
N ALA A 175 19.47 7.40 19.44
CA ALA A 175 20.02 6.18 18.84
C ALA A 175 20.72 5.40 19.94
N TRP A 176 20.13 4.25 20.30
CA TRP A 176 20.67 3.38 21.33
C TRP A 176 22.10 2.96 21.02
N SER A 177 22.88 2.76 22.09
CA SER A 177 24.24 2.26 21.91
C SER A 177 24.21 0.81 21.46
N GLU A 178 25.36 0.34 20.98
CA GLU A 178 25.47 -1.07 20.62
C GLU A 178 25.12 -1.98 21.80
N GLU A 179 25.62 -1.66 22.99
CA GLU A 179 25.36 -2.50 24.14
C GLU A 179 23.88 -2.50 24.50
N GLU A 180 23.22 -1.36 24.35
CA GLU A 180 21.81 -1.25 24.68
C GLU A 180 20.95 -2.09 23.72
N VAL A 181 21.19 -1.97 22.41
CA VAL A 181 20.43 -2.78 21.46
C VAL A 181 20.68 -4.26 21.69
N LYS A 182 21.95 -4.65 21.89
CA LYS A 182 22.24 -6.05 22.10
C LYS A 182 21.61 -6.55 23.39
N ARG A 183 21.63 -5.74 24.45
CA ARG A 183 21.06 -6.20 25.71
C ARG A 183 19.56 -6.38 25.59
N ILE A 184 18.91 -5.46 24.88
CA ILE A 184 17.46 -5.58 24.67
C ILE A 184 17.17 -6.81 23.82
N ALA A 185 17.95 -7.02 22.77
CA ALA A 185 17.71 -8.20 21.93
C ALA A 185 17.96 -9.49 22.71
N GLU A 186 19.03 -9.53 23.51
CA GLU A 186 19.28 -10.72 24.32
C GLU A 186 18.13 -10.98 25.29
N LEU A 187 17.60 -9.93 25.91
CA LEU A 187 16.50 -10.13 26.84
C LEU A 187 15.26 -10.66 26.14
N CYS A 188 14.96 -10.11 24.95
CA CYS A 188 13.84 -10.60 24.16
C CYS A 188 14.01 -12.08 23.80
N ALA A 189 15.19 -12.44 23.28
CA ALA A 189 15.43 -13.82 22.93
C ALA A 189 15.32 -14.72 24.16
N LYS A 190 15.86 -14.26 25.29
CA LYS A 190 15.87 -15.07 26.49
C LYS A 190 14.46 -15.48 26.88
N HIS A 191 13.51 -14.56 26.72
CA HIS A 191 12.14 -14.75 27.15
C HIS A 191 11.20 -15.06 25.98
N GLN A 192 11.78 -15.41 24.83
CA GLN A 192 11.02 -15.80 23.64
C GLN A 192 10.02 -14.72 23.28
N VAL A 193 10.50 -13.48 23.23
CA VAL A 193 9.72 -12.32 22.84
C VAL A 193 10.28 -11.81 21.52
N LEU A 194 9.41 -11.61 20.54
CA LEU A 194 9.86 -11.10 19.27
C LEU A 194 10.21 -9.63 19.39
N LEU A 195 11.42 -9.26 18.95
CA LEU A 195 11.86 -7.87 18.93
C LEU A 195 11.60 -7.27 17.54
N ILE A 196 10.65 -6.34 17.46
CA ILE A 196 10.37 -5.61 16.24
C ILE A 196 11.09 -4.27 16.38
N SER A 197 12.18 -4.09 15.65
CA SER A 197 13.03 -2.93 15.85
C SER A 197 12.74 -1.97 14.70
N ASP A 198 12.03 -0.88 15.01
CA ASP A 198 11.65 0.15 14.05
C ASP A 198 12.84 1.09 13.90
N GLU A 199 13.57 0.94 12.80
CA GLU A 199 14.80 1.70 12.57
C GLU A 199 14.60 2.78 11.51
N ILE A 200 13.40 3.33 11.44
CA ILE A 200 13.11 4.25 10.35
C ILE A 200 13.88 5.56 10.51
N HIS A 201 14.26 5.91 11.72
CA HIS A 201 15.07 7.10 11.94
C HIS A 201 16.57 6.82 11.89
N GLY A 202 16.95 5.61 11.47
CA GLY A 202 18.32 5.13 11.58
C GLY A 202 19.32 5.87 10.73
N ASP A 203 18.88 6.50 9.64
CA ASP A 203 19.79 7.26 8.78
C ASP A 203 20.00 8.69 9.27
N LEU A 204 19.30 9.10 10.34
CA LEU A 204 19.29 10.48 10.77
C LEU A 204 20.04 10.67 12.08
N VAL A 205 21.04 9.84 12.33
CA VAL A 205 21.94 10.10 13.46
C VAL A 205 22.78 11.32 13.12
N LEU A 206 22.74 12.30 14.00
CA LEU A 206 23.42 13.57 13.78
C LEU A 206 24.79 13.65 14.43
N THR A 207 25.06 12.74 15.36
CA THR A 207 26.40 12.65 15.98
C THR A 207 27.28 11.74 15.11
N ASP A 208 28.52 11.53 15.54
CA ASP A 208 29.45 10.67 14.79
C ASP A 208 29.26 9.23 15.25
N GLU A 209 28.00 8.89 15.45
CA GLU A 209 27.73 7.55 15.97
C GLU A 209 26.98 6.80 14.91
N ASP A 210 26.89 5.54 15.19
CA ASP A 210 26.13 4.74 14.24
C ASP A 210 25.07 3.98 14.99
N ILE A 211 23.89 3.82 14.38
CA ILE A 211 22.91 2.96 15.00
C ILE A 211 23.42 1.52 14.98
N THR A 212 22.84 0.72 15.86
CA THR A 212 23.08 -0.71 15.86
C THR A 212 21.78 -1.37 15.43
N PRO A 213 21.66 -1.77 14.17
CA PRO A 213 20.44 -2.45 13.72
C PRO A 213 20.25 -3.75 14.48
N ALA A 214 18.99 -4.07 14.77
CA ALA A 214 18.72 -5.30 15.49
C ALA A 214 19.27 -6.52 14.76
N PHE A 215 19.28 -6.50 13.42
CA PHE A 215 19.74 -7.67 12.68
C PHE A 215 21.23 -7.95 12.87
N THR A 216 21.99 -7.03 13.43
CA THR A 216 23.40 -7.29 13.69
C THR A 216 23.67 -8.07 14.97
N VAL A 217 22.67 -8.21 15.84
CA VAL A 217 22.91 -8.94 17.09
C VAL A 217 23.22 -10.39 16.73
N ASP A 218 24.02 -11.02 17.56
CA ASP A 218 24.50 -12.36 17.19
C ASP A 218 23.42 -13.43 17.29
N TRP A 219 23.68 -14.55 16.62
CA TRP A 219 22.71 -15.66 16.46
C TRP A 219 22.14 -16.25 17.74
N ASP A 220 22.71 -15.93 18.87
CA ASP A 220 22.02 -16.35 20.12
C ASP A 220 20.77 -15.49 20.38
N ALA A 221 20.44 -14.53 19.50
CA ALA A 221 19.30 -13.60 19.66
C ALA A 221 18.77 -13.16 18.29
N LYS A 222 19.61 -13.28 17.25
CA LYS A 222 19.23 -12.77 15.92
C LYS A 222 17.95 -13.45 15.40
N ASN A 223 17.69 -14.67 15.86
CA ASN A 223 16.48 -15.34 15.42
C ASN A 223 15.21 -14.71 15.97
N TRP A 224 15.32 -13.75 16.88
CA TRP A 224 14.14 -13.15 17.51
C TRP A 224 13.90 -11.71 17.07
N VAL A 225 14.62 -11.23 16.06
CA VAL A 225 14.59 -9.81 15.74
C VAL A 225 14.05 -9.59 14.34
N VAL A 226 13.42 -8.44 14.17
CA VAL A 226 13.03 -7.87 12.88
C VAL A 226 13.47 -6.41 12.87
N SER A 227 14.24 -6.03 11.87
CA SER A 227 14.58 -4.62 11.63
C SER A 227 13.68 -4.08 10.53
N LEU A 228 13.11 -2.90 10.76
CA LEU A 228 12.31 -2.21 9.76
C LEU A 228 12.98 -0.91 9.36
N ILE A 229 13.14 -0.70 8.05
CA ILE A 229 13.75 0.52 7.53
C ILE A 229 12.88 1.04 6.40
N SER A 230 13.15 2.28 6.02
CA SER A 230 12.44 2.89 4.90
C SER A 230 13.20 4.15 4.50
N PRO A 231 13.19 4.55 3.22
CA PRO A 231 13.75 5.86 2.87
C PRO A 231 12.85 7.02 3.27
N SER A 232 11.67 6.74 3.82
CA SER A 232 10.63 7.74 4.04
C SER A 232 11.11 8.93 4.87
N LYS A 233 11.52 8.68 6.11
CA LYS A 233 11.92 9.77 6.98
C LYS A 233 13.21 10.40 6.49
N THR A 234 14.17 9.56 6.08
CA THR A 234 15.47 10.03 5.63
C THR A 234 15.37 11.02 4.47
N PHE A 235 14.51 10.73 3.51
CA PHE A 235 14.57 11.43 2.23
C PHE A 235 13.32 12.24 1.95
N ASN A 236 12.41 12.35 2.92
CA ASN A 236 11.15 13.08 2.77
C ASN A 236 10.28 12.43 1.69
N LEU A 237 9.99 11.14 1.91
CA LEU A 237 9.27 10.30 0.96
C LEU A 237 8.19 9.51 1.66
N ALA A 238 7.51 10.15 2.61
CA ALA A 238 6.41 9.51 3.31
C ALA A 238 5.41 8.87 2.35
N ALA A 239 5.11 9.56 1.25
CA ALA A 239 4.09 9.08 0.33
C ALA A 239 4.67 8.16 -0.74
N LEU A 240 5.95 7.83 -0.69
CA LEU A 240 6.50 6.87 -1.65
C LEU A 240 6.02 5.46 -1.36
N HIS A 241 5.82 5.13 -0.08
CA HIS A 241 5.39 3.80 0.35
C HIS A 241 6.39 2.72 -0.08
N ALA A 242 7.66 2.96 0.24
CA ALA A 242 8.72 1.98 0.10
C ALA A 242 9.33 1.73 1.47
N ALA A 243 9.47 0.47 1.85
CA ALA A 243 10.09 0.12 3.12
C ALA A 243 10.72 -1.25 2.95
N CYS A 244 11.33 -1.75 4.02
CA CYS A 244 11.96 -3.06 3.95
C CYS A 244 12.03 -3.65 5.35
N ALA A 245 11.60 -4.89 5.48
CA ALA A 245 11.81 -5.66 6.69
C ALA A 245 13.06 -6.50 6.52
N ILE A 246 13.87 -6.58 7.56
CA ILE A 246 15.09 -7.37 7.54
C ILE A 246 14.93 -8.41 8.61
N ILE A 247 14.74 -9.66 8.21
CA ILE A 247 14.34 -10.71 9.13
C ILE A 247 15.29 -11.89 9.00
N PRO A 248 16.29 -12.01 9.87
CA PRO A 248 17.27 -13.09 9.70
C PRO A 248 16.67 -14.48 9.80
N ASN A 249 15.71 -14.68 10.68
CA ASN A 249 15.10 -16.01 10.80
C ASN A 249 14.25 -16.29 9.56
N PRO A 250 14.54 -17.35 8.79
CA PRO A 250 13.77 -17.56 7.56
C PRO A 250 12.34 -18.02 7.81
N ASP A 251 12.07 -18.72 8.92
CA ASP A 251 10.69 -19.09 9.24
C ASP A 251 9.85 -17.86 9.54
N LEU A 252 10.33 -17.01 10.44
CA LEU A 252 9.67 -15.71 10.65
C LEU A 252 9.57 -14.93 9.36
N ARG A 253 10.63 -14.95 8.56
CA ARG A 253 10.63 -14.14 7.36
C ARG A 253 9.57 -14.60 6.39
N ALA A 254 9.44 -15.91 6.19
CA ALA A 254 8.39 -16.42 5.32
C ALA A 254 7.01 -16.03 5.83
N ARG A 255 6.80 -16.14 7.14
CA ARG A 255 5.49 -15.81 7.69
C ARG A 255 5.23 -14.31 7.65
N ALA A 256 6.24 -13.50 7.96
CA ALA A 256 6.06 -12.05 7.84
C ALA A 256 5.76 -11.67 6.40
N GLU A 257 6.48 -12.26 5.46
CA GLU A 257 6.28 -11.93 4.05
C GLU A 257 4.85 -12.25 3.62
N GLU A 258 4.31 -13.38 4.09
CA GLU A 258 2.93 -13.71 3.76
C GLU A 258 1.95 -12.75 4.41
N SER A 259 2.20 -12.35 5.66
CA SER A 259 1.31 -11.37 6.29
C SER A 259 1.35 -10.04 5.56
N PHE A 260 2.48 -9.69 4.95
CA PHE A 260 2.50 -8.41 4.20
C PHE A 260 1.64 -8.51 2.93
N PHE A 261 1.80 -9.63 2.24
CA PHE A 261 0.98 -9.86 1.02
C PHE A 261 -0.49 -9.79 1.39
N LEU A 262 -0.88 -10.48 2.45
CA LEU A 262 -2.30 -10.54 2.84
C LEU A 262 -2.81 -9.17 3.27
N ALA A 263 -1.96 -8.36 3.88
CA ALA A 263 -2.37 -7.02 4.27
C ALA A 263 -2.49 -6.07 3.07
N GLY A 264 -1.92 -6.43 1.93
CA GLY A 264 -1.86 -5.52 0.80
C GLY A 264 -0.68 -4.57 0.84
N ILE A 265 0.39 -4.92 1.56
CA ILE A 265 1.56 -4.05 1.68
C ILE A 265 2.82 -4.73 1.19
N GLY A 266 2.70 -5.84 0.48
CA GLY A 266 3.85 -6.57 -0.01
C GLY A 266 4.29 -6.25 -1.42
N GLU A 267 3.49 -5.44 -2.10
CA GLU A 267 3.72 -5.17 -3.54
C GLU A 267 4.13 -3.71 -3.81
N PRO A 268 5.24 -3.45 -4.56
CA PRO A 268 5.62 -2.06 -4.76
C PRO A 268 4.68 -1.36 -5.73
N ASN A 269 4.39 -0.10 -5.42
CA ASN A 269 3.70 0.75 -6.36
C ASN A 269 4.65 1.18 -7.48
N LEU A 270 4.17 2.01 -8.39
CA LEU A 270 4.88 2.32 -9.62
C LEU A 270 6.18 3.09 -9.41
N LEU A 271 6.41 3.68 -8.24
CA LEU A 271 7.64 4.42 -8.00
C LEU A 271 8.51 3.83 -6.90
N ALA A 272 7.99 2.91 -6.09
CA ALA A 272 8.68 2.48 -4.87
C ALA A 272 10.06 1.91 -5.17
N ILE A 273 10.18 1.08 -6.20
CA ILE A 273 11.44 0.39 -6.42
C ILE A 273 12.49 1.36 -6.99
N PRO A 274 12.26 2.02 -8.13
CA PRO A 274 13.33 2.90 -8.65
C PRO A 274 13.67 4.05 -7.73
N ALA A 275 12.68 4.62 -7.03
CA ALA A 275 12.96 5.75 -6.15
C ALA A 275 13.78 5.31 -4.95
N ALA A 276 13.41 4.17 -4.33
CA ALA A 276 14.15 3.70 -3.18
C ALA A 276 15.55 3.28 -3.57
N ILE A 277 15.70 2.65 -4.74
CA ILE A 277 17.03 2.27 -5.18
C ILE A 277 17.88 3.51 -5.42
N ALA A 278 17.30 4.53 -6.05
CA ALA A 278 18.04 5.77 -6.28
C ALA A 278 18.44 6.42 -4.96
N ALA A 279 17.52 6.46 -4.00
CA ALA A 279 17.84 6.98 -2.67
C ALA A 279 19.00 6.23 -2.05
N TYR A 280 18.94 4.90 -2.06
CA TYR A 280 19.95 4.08 -1.40
C TYR A 280 21.26 4.03 -2.18
N GLU A 281 21.20 4.19 -3.50
CA GLU A 281 22.42 4.18 -4.29
C GLU A 281 23.06 5.55 -4.44
N GLU A 282 22.27 6.62 -4.43
CA GLU A 282 22.78 7.94 -4.79
C GLU A 282 22.40 9.05 -3.84
N GLY A 283 21.79 8.73 -2.69
CA GLY A 283 21.34 9.77 -1.80
C GLY A 283 22.31 10.14 -0.71
N HIS A 284 23.50 9.55 -0.69
CA HIS A 284 24.45 9.76 0.41
C HIS A 284 24.86 11.23 0.49
N ASN A 285 25.14 11.84 -0.65
CA ASN A 285 25.60 13.23 -0.63
C ASN A 285 24.50 14.17 -0.14
N TRP A 286 23.28 13.96 -0.62
CA TRP A 286 22.16 14.78 -0.15
C TRP A 286 21.93 14.59 1.34
N LEU A 287 21.99 13.34 1.82
CA LEU A 287 21.83 13.11 3.25
C LEU A 287 22.93 13.82 4.04
N ARG A 288 24.17 13.75 3.55
CA ARG A 288 25.28 14.44 4.23
C ARG A 288 25.00 15.93 4.36
N GLU A 289 24.48 16.55 3.30
CA GLU A 289 24.13 17.96 3.37
C GLU A 289 22.94 18.19 4.31
N LEU A 290 21.93 17.32 4.24
CA LEU A 290 20.79 17.43 5.13
C LEU A 290 21.23 17.50 6.59
N LYS A 291 22.10 16.56 7.00
CA LYS A 291 22.46 16.48 8.41
C LYS A 291 23.13 17.75 8.89
N GLN A 292 23.88 18.43 8.02
CA GLN A 292 24.50 19.67 8.47
C GLN A 292 23.46 20.77 8.66
N VAL A 293 22.46 20.83 7.78
CA VAL A 293 21.34 21.74 7.99
C VAL A 293 20.61 21.39 9.27
N LEU A 294 20.37 20.09 9.52
CA LEU A 294 19.67 19.69 10.74
C LEU A 294 20.47 20.07 11.98
N ARG A 295 21.77 19.78 12.00
CA ARG A 295 22.57 20.17 13.15
C ARG A 295 22.55 21.69 13.34
N ASP A 296 22.65 22.44 12.25
CA ASP A 296 22.57 23.90 12.33
C ASP A 296 21.24 24.34 12.92
N ASN A 297 20.14 23.71 12.50
CA ASN A 297 18.83 24.07 13.02
C ASN A 297 18.68 23.70 14.50
N PHE A 298 19.14 22.50 14.88
CA PHE A 298 19.13 22.11 16.29
C PHE A 298 19.93 23.10 17.13
N ALA A 299 21.15 23.43 16.66
CA ALA A 299 21.99 24.37 17.38
C ALA A 299 21.29 25.72 17.57
N TYR A 300 20.65 26.22 16.51
CA TYR A 300 19.89 27.46 16.64
C TYR A 300 18.77 27.31 17.65
N ALA A 301 17.98 26.24 17.53
CA ALA A 301 16.88 26.01 18.45
C ALA A 301 17.38 25.96 19.89
N ARG A 302 18.45 25.21 20.15
CA ARG A 302 18.95 25.09 21.51
C ARG A 302 19.48 26.43 22.01
N GLU A 303 20.26 27.13 21.20
CA GLU A 303 20.80 28.42 21.62
C GLU A 303 19.70 29.44 21.85
N PHE A 304 18.80 29.60 20.87
CA PHE A 304 17.71 30.57 21.02
C PHE A 304 16.93 30.33 22.31
N LEU A 305 16.49 29.09 22.54
CA LEU A 305 15.66 28.81 23.69
C LEU A 305 16.43 28.95 24.99
N ALA A 306 17.69 28.50 25.00
CA ALA A 306 18.52 28.70 26.19
C ALA A 306 18.62 30.17 26.57
N LYS A 307 18.71 31.06 25.58
CA LYS A 307 18.80 32.48 25.87
C LYS A 307 17.43 33.11 26.08
N GLU A 308 16.48 32.74 25.26
CA GLU A 308 15.19 33.45 25.24
C GLU A 308 14.09 32.80 26.08
N VAL A 309 13.98 31.47 26.03
CA VAL A 309 12.95 30.78 26.80
C VAL A 309 13.67 29.81 27.73
N PRO A 310 14.39 30.31 28.74
CA PRO A 310 15.16 29.39 29.58
C PRO A 310 14.30 28.43 30.39
N GLU A 311 13.00 28.70 30.53
CA GLU A 311 12.14 27.77 31.27
C GLU A 311 11.75 26.55 30.43
N VAL A 312 12.35 26.35 29.26
CA VAL A 312 12.18 25.13 28.49
C VAL A 312 13.55 24.59 28.13
N LYS A 313 13.59 23.28 27.82
CA LYS A 313 14.84 22.56 27.67
C LYS A 313 14.76 21.65 26.45
N VAL A 314 15.57 21.93 25.44
CA VAL A 314 15.69 21.02 24.30
C VAL A 314 16.58 19.85 24.70
N LEU A 315 16.02 18.65 24.74
CA LEU A 315 16.80 17.51 25.20
C LEU A 315 17.98 17.25 24.27
N ASP A 316 19.11 16.89 24.87
CA ASP A 316 20.20 16.38 24.08
C ASP A 316 19.74 15.12 23.38
N SER A 317 19.78 15.14 22.06
CA SER A 317 19.39 14.00 21.24
C SER A 317 20.51 13.77 20.23
N ASN A 318 20.70 12.53 19.81
CA ASN A 318 21.70 12.25 18.80
C ASN A 318 21.11 11.81 17.47
N ALA A 319 19.79 11.75 17.40
CA ALA A 319 19.16 11.22 16.17
C ALA A 319 17.84 11.88 15.84
N SER A 320 17.49 11.85 14.57
CA SER A 320 16.19 12.39 14.08
C SER A 320 16.24 13.92 13.89
N TYR A 321 15.21 14.43 13.24
CA TYR A 321 15.09 15.89 13.02
C TYR A 321 13.98 16.43 13.92
N LEU A 322 13.60 15.64 14.92
CA LEU A 322 12.53 16.05 15.82
C LEU A 322 13.14 16.44 17.16
N ALA A 323 12.97 17.69 17.54
CA ALA A 323 13.40 18.16 18.85
C ALA A 323 12.35 17.81 19.91
N TRP A 324 12.81 17.26 21.01
CA TRP A 324 11.95 16.88 22.13
C TRP A 324 12.25 17.86 23.25
N VAL A 325 11.29 18.74 23.53
CA VAL A 325 11.50 19.94 24.34
C VAL A 325 10.76 19.79 25.66
N ASP A 326 11.51 19.68 26.76
CA ASP A 326 10.95 19.66 28.11
C ASP A 326 10.38 21.03 28.41
N ILE A 327 9.05 21.12 28.50
CA ILE A 327 8.37 22.37 28.84
C ILE A 327 7.79 22.33 30.25
N SER A 328 8.19 21.35 31.06
CA SER A 328 7.60 21.16 32.38
C SER A 328 7.69 22.42 33.24
N ALA A 329 8.78 23.18 33.11
CA ALA A 329 8.91 24.38 33.93
C ALA A 329 7.92 25.47 33.55
N LEU A 330 7.26 25.35 32.39
CA LEU A 330 6.19 26.28 32.09
C LEU A 330 4.95 26.03 32.92
N GLY A 331 4.84 24.87 33.58
CA GLY A 331 3.67 24.58 34.39
C GLY A 331 2.38 24.41 33.60
N MET A 332 2.48 24.00 32.34
CA MET A 332 1.35 23.91 31.45
C MET A 332 1.38 22.56 30.74
N ASN A 333 0.25 21.85 30.80
CA ASN A 333 0.09 20.62 30.03
C ASN A 333 0.44 20.87 28.58
N ALA A 334 1.24 19.97 28.00
CA ALA A 334 1.76 20.20 26.66
C ALA A 334 0.64 20.38 25.64
N GLU A 335 -0.43 19.59 25.71
CA GLU A 335 -1.51 19.75 24.75
C GLU A 335 -2.11 21.15 24.82
N ASP A 336 -2.27 21.69 26.02
CA ASP A 336 -2.84 23.03 26.13
C ASP A 336 -1.85 24.07 25.65
N PHE A 337 -0.56 23.84 25.91
CA PHE A 337 0.45 24.77 25.42
C PHE A 337 0.47 24.79 23.89
N CYS A 338 0.33 23.63 23.27
CA CYS A 338 0.33 23.58 21.81
C CYS A 338 -0.92 24.21 21.21
N LYS A 339 -2.08 23.98 21.81
CA LYS A 339 -3.28 24.65 21.31
C LYS A 339 -3.15 26.15 21.48
N TYR A 340 -2.63 26.58 22.62
CA TYR A 340 -2.43 28.00 22.85
C TYR A 340 -1.44 28.58 21.85
N LEU A 341 -0.35 27.87 21.57
CA LEU A 341 0.63 28.38 20.61
C LEU A 341 0.01 28.57 19.24
N ARG A 342 -0.73 27.55 18.76
CA ARG A 342 -1.38 27.69 17.45
C ARG A 342 -2.34 28.88 17.44
N GLU A 343 -3.18 28.99 18.46
CA GLU A 343 -4.17 30.07 18.47
C GLU A 343 -3.51 31.45 18.55
N LYS A 344 -2.46 31.60 19.36
CA LYS A 344 -1.89 32.93 19.58
C LYS A 344 -0.89 33.33 18.50
N THR A 345 -0.11 32.36 18.00
CA THR A 345 1.01 32.66 17.12
C THR A 345 0.95 31.97 15.77
N GLY A 346 0.06 30.99 15.59
CA GLY A 346 0.01 30.22 14.37
C GLY A 346 1.03 29.10 14.29
N LEU A 347 1.92 28.98 15.26
CA LEU A 347 2.87 27.88 15.30
C LEU A 347 2.16 26.57 15.69
N ILE A 348 2.35 25.53 14.90
CA ILE A 348 1.71 24.24 15.15
C ILE A 348 2.82 23.24 15.42
N ILE A 349 3.02 22.88 16.68
CA ILE A 349 3.97 21.83 17.01
C ILE A 349 3.20 20.63 17.54
N SER A 350 3.90 19.58 17.93
CA SER A 350 3.29 18.35 18.40
C SER A 350 3.29 18.34 19.92
N ALA A 351 2.10 18.25 20.52
CA ALA A 351 2.01 18.02 21.95
C ALA A 351 2.63 16.67 22.27
N GLY A 352 3.29 16.59 23.43
CA GLY A 352 3.88 15.31 23.83
C GLY A 352 2.90 14.29 24.35
N ASN A 353 1.68 14.71 24.68
CA ASN A 353 0.72 13.82 25.36
C ASN A 353 0.48 12.52 24.60
N GLY A 354 0.37 12.60 23.27
CA GLY A 354 0.08 11.43 22.47
C GLY A 354 1.16 10.38 22.50
N TYR A 355 2.39 10.75 22.90
CA TYR A 355 3.45 9.77 23.05
C TYR A 355 3.40 9.06 24.38
N ARG A 356 2.44 9.40 25.23
CA ARG A 356 2.27 8.84 26.58
C ARG A 356 3.58 9.06 27.35
N GLY A 357 3.95 8.13 28.22
CA GLY A 357 5.09 8.36 29.09
C GLY A 357 4.87 9.63 29.88
N ASN A 358 5.91 10.46 29.96
CA ASN A 358 5.80 11.79 30.55
C ASN A 358 5.57 12.84 29.48
N GLY A 359 4.93 12.46 28.37
CA GLY A 359 4.76 13.36 27.24
C GLY A 359 4.00 14.65 27.54
N HIS A 360 3.20 14.68 28.60
CA HIS A 360 2.50 15.94 28.87
C HIS A 360 3.44 17.06 29.31
N GLU A 361 4.71 16.75 29.59
CA GLU A 361 5.68 17.77 29.92
C GLU A 361 6.57 18.15 28.75
N PHE A 362 6.22 17.71 27.54
CA PHE A 362 7.12 17.88 26.40
C PHE A 362 6.35 18.31 25.18
N VAL A 363 7.04 19.00 24.27
CA VAL A 363 6.54 19.17 22.92
C VAL A 363 7.60 18.64 21.97
N ARG A 364 7.17 18.23 20.79
CA ARG A 364 8.05 17.75 19.74
C ARG A 364 8.00 18.72 18.57
N ILE A 365 9.17 19.18 18.12
CA ILE A 365 9.26 20.21 17.09
C ILE A 365 10.05 19.66 15.92
N ASN A 366 9.46 19.77 14.73
CA ASN A 366 10.07 19.28 13.50
C ASN A 366 11.02 20.36 12.98
N LEU A 367 12.32 20.10 13.03
CA LEU A 367 13.31 21.07 12.57
C LEU A 367 13.80 20.78 11.15
N ALA A 368 13.19 19.83 10.45
CA ALA A 368 13.55 19.53 9.06
C ALA A 368 12.85 20.52 8.13
N CYS A 369 13.25 21.79 8.25
CA CYS A 369 12.72 22.88 7.44
C CYS A 369 13.81 23.93 7.29
N PRO A 370 13.68 24.85 6.33
CA PRO A 370 14.71 25.90 6.16
C PRO A 370 14.92 26.69 7.46
N LYS A 371 16.16 27.15 7.64
CA LYS A 371 16.51 27.88 8.86
C LYS A 371 15.54 29.03 9.11
N GLU A 372 15.11 29.70 8.05
CA GLU A 372 14.19 30.82 8.19
C GLU A 372 12.89 30.38 8.85
N LEU A 373 12.42 29.16 8.57
CA LEU A 373 11.22 28.67 9.24
C LEU A 373 11.51 28.35 10.71
N VAL A 374 12.70 27.83 11.00
CA VAL A 374 13.07 27.59 12.40
C VAL A 374 13.10 28.91 13.17
N ILE A 375 13.74 29.93 12.58
CA ILE A 375 13.82 31.23 13.23
C ILE A 375 12.43 31.75 13.53
N ASP A 376 11.53 31.67 12.54
CA ASP A 376 10.13 32.05 12.73
C ASP A 376 9.48 31.23 13.85
N GLY A 377 9.59 29.90 13.78
CA GLY A 377 8.95 29.07 14.79
C GLY A 377 9.45 29.35 16.19
N MET A 378 10.76 29.52 16.35
CA MET A 378 11.31 29.83 17.66
C MET A 378 10.77 31.16 18.16
N GLN A 379 10.74 32.16 17.28
CA GLN A 379 10.24 33.48 17.68
C GLN A 379 8.79 33.39 18.15
N ARG A 380 7.96 32.62 17.43
CA ARG A 380 6.58 32.43 17.84
C ARG A 380 6.50 31.70 19.17
N LEU A 381 7.37 30.70 19.35
CA LEU A 381 7.42 29.96 20.60
C LEU A 381 7.67 30.91 21.77
N LYS A 382 8.67 31.78 21.64
CA LYS A 382 8.98 32.81 22.67
C LYS A 382 7.78 33.74 22.87
N GLN A 383 7.20 34.19 21.77
CA GLN A 383 6.09 35.14 21.87
C GLN A 383 4.92 34.52 22.63
N GLY A 384 4.64 33.24 22.38
CA GLY A 384 3.58 32.58 23.12
C GLY A 384 3.84 32.56 24.62
N VAL A 385 5.07 32.29 25.01
CA VAL A 385 5.41 32.23 26.43
C VAL A 385 5.37 33.64 27.04
N LEU A 386 5.90 34.62 26.32
CA LEU A 386 5.84 35.99 26.78
C LEU A 386 4.41 36.42 27.04
N ASN A 387 3.51 36.11 26.11
CA ASN A 387 2.10 36.48 26.27
C ASN A 387 1.47 35.80 27.47
N LEU A 388 1.93 34.60 27.82
CA LEU A 388 1.39 33.90 28.98
C LEU A 388 1.73 34.62 30.26
N ASN A 389 2.96 35.13 30.37
CA ASN A 389 3.42 35.93 31.50
C ASN A 389 2.85 37.34 31.48
N ASN A 390 1.93 37.63 30.54
CA ASN A 390 1.20 38.90 30.46
C ASN A 390 -0.31 38.68 30.36
N MET B 1 -9.01 4.19 -41.71
CA MET B 1 -9.97 4.41 -40.63
C MET B 1 -10.24 5.91 -40.38
N ALA B 2 -10.95 6.21 -39.30
CA ALA B 2 -10.92 7.53 -38.69
C ALA B 2 -9.77 7.51 -37.69
N GLU B 3 -8.87 8.48 -37.85
CA GLU B 3 -7.65 8.53 -36.99
C GLU B 3 -7.98 8.36 -35.52
N LYS B 4 -7.25 7.47 -34.86
CA LYS B 4 -7.42 7.35 -33.40
C LYS B 4 -6.50 8.39 -32.74
N GLN B 5 -6.97 9.09 -31.72
CA GLN B 5 -6.22 10.19 -31.12
C GLN B 5 -5.00 9.69 -30.35
N TYR B 6 -4.98 8.42 -29.95
CA TYR B 6 -3.99 7.89 -29.01
C TYR B 6 -3.25 6.70 -29.62
N ASP B 7 -2.18 6.27 -28.92
CA ASP B 7 -1.26 5.26 -29.42
C ASP B 7 -1.59 3.91 -28.81
N PHE B 8 -2.15 3.01 -29.62
CA PHE B 8 -2.37 1.62 -29.24
C PHE B 8 -1.52 0.67 -30.07
N THR B 9 -0.43 1.18 -30.65
CA THR B 9 0.42 0.35 -31.50
C THR B 9 1.75 -0.01 -30.88
N HIS B 10 2.35 0.87 -30.07
CA HIS B 10 3.68 0.64 -29.53
C HIS B 10 3.57 0.09 -28.12
N VAL B 11 4.29 -1.00 -27.85
CA VAL B 11 4.31 -1.62 -26.54
C VAL B 11 5.25 -0.82 -25.65
N PRO B 12 4.77 -0.33 -24.49
CA PRO B 12 5.65 0.40 -23.57
C PRO B 12 6.84 -0.47 -23.16
N LYS B 13 8.02 0.11 -23.19
CA LYS B 13 9.23 -0.61 -22.82
C LYS B 13 9.41 -0.49 -21.31
N ARG B 14 9.24 -1.61 -20.62
CA ARG B 14 9.24 -1.63 -19.16
C ARG B 14 10.67 -1.68 -18.63
N GLN B 15 10.82 -1.25 -17.38
CA GLN B 15 12.03 -1.51 -16.64
C GLN B 15 12.11 -2.99 -16.29
N GLY B 16 13.24 -3.38 -15.71
CA GLY B 16 13.56 -4.80 -15.61
C GLY B 16 12.67 -5.58 -14.66
N ASN B 17 12.09 -4.92 -13.65
CA ASN B 17 11.32 -5.62 -12.63
C ASN B 17 9.85 -5.76 -13.00
N SER B 18 9.53 -5.80 -14.27
CA SER B 18 8.16 -6.01 -14.72
C SER B 18 7.78 -7.48 -14.56
N ILE B 19 6.63 -7.74 -13.94
CA ILE B 19 6.17 -9.11 -13.84
C ILE B 19 5.82 -9.65 -15.23
N LYS B 20 5.20 -8.83 -16.07
CA LYS B 20 4.76 -9.34 -17.37
C LYS B 20 5.92 -9.55 -18.32
N TRP B 21 6.87 -8.62 -18.35
CA TRP B 21 7.93 -8.64 -19.36
C TRP B 21 9.31 -8.89 -18.79
N GLY B 22 9.46 -8.98 -17.48
CA GLY B 22 10.78 -9.33 -16.92
C GLY B 22 11.10 -10.81 -16.97
N GLY B 23 12.38 -11.16 -17.08
CA GLY B 23 12.83 -12.57 -17.21
C GLY B 23 12.06 -13.41 -18.21
N LEU B 24 11.87 -12.86 -19.35
CA LEU B 24 11.28 -13.68 -20.39
C LEU B 24 12.52 -14.23 -21.17
N LYS B 25 12.43 -15.32 -21.89
CA LYS B 25 13.48 -15.71 -22.82
C LYS B 25 13.19 -15.02 -24.14
N GLU B 26 14.16 -14.99 -24.99
CA GLU B 26 14.12 -14.43 -26.33
C GLU B 26 12.83 -14.79 -27.05
N LYS B 27 12.12 -13.77 -27.54
CA LYS B 27 10.92 -13.93 -28.35
C LYS B 27 9.73 -14.47 -27.53
N GLU B 28 9.88 -14.70 -26.23
CA GLU B 28 8.71 -15.15 -25.48
C GLU B 28 7.65 -14.05 -25.45
N LEU B 29 6.37 -14.46 -25.47
CA LEU B 29 5.25 -13.55 -25.65
C LEU B 29 4.32 -13.72 -24.47
N PRO B 30 4.36 -12.81 -23.49
CA PRO B 30 3.53 -12.95 -22.30
C PRO B 30 2.14 -12.41 -22.59
N MET B 31 1.12 -13.25 -22.41
CA MET B 31 -0.27 -12.85 -22.56
C MET B 31 -1.08 -13.41 -21.42
N TRP B 32 -0.50 -13.41 -20.22
CA TRP B 32 -1.14 -14.03 -19.07
C TRP B 32 -1.63 -12.97 -18.10
N ILE B 33 -0.74 -12.30 -17.38
CA ILE B 33 -1.14 -11.40 -16.30
C ILE B 33 -1.89 -10.21 -16.85
N ALA B 34 -2.89 -9.74 -16.10
CA ALA B 34 -3.82 -8.73 -16.58
C ALA B 34 -3.24 -7.32 -16.40
N GLU B 35 -2.30 -6.99 -17.29
CA GLU B 35 -1.94 -5.60 -17.55
C GLU B 35 -1.85 -5.42 -19.05
N MET B 36 -1.98 -4.17 -19.50
CA MET B 36 -2.02 -3.89 -20.92
C MET B 36 -0.63 -3.62 -21.47
N ASP B 37 -0.47 -3.88 -22.76
CA ASP B 37 0.71 -3.44 -23.47
C ASP B 37 0.41 -2.21 -24.32
N PHE B 38 -0.32 -1.27 -23.72
CA PHE B 38 -0.57 0.05 -24.27
C PHE B 38 -0.04 1.09 -23.31
N ARG B 39 0.40 2.21 -23.87
CA ARG B 39 0.70 3.38 -23.05
C ARG B 39 -0.59 3.90 -22.44
N ILE B 40 -0.46 4.55 -21.28
CA ILE B 40 -1.63 5.11 -20.61
C ILE B 40 -2.06 6.42 -21.28
N ALA B 41 -3.26 6.87 -20.95
CA ALA B 41 -3.78 8.12 -21.50
C ALA B 41 -2.82 9.26 -21.21
N PRO B 42 -2.48 10.10 -22.18
CA PRO B 42 -1.57 11.22 -21.90
C PRO B 42 -2.12 12.17 -20.86
N GLU B 43 -3.45 12.24 -20.72
CA GLU B 43 -4.03 13.09 -19.68
C GLU B 43 -3.63 12.61 -18.29
N ILE B 44 -3.55 11.29 -18.10
CA ILE B 44 -3.10 10.76 -16.82
C ILE B 44 -1.60 11.02 -16.65
N MET B 45 -0.82 10.75 -17.67
CA MET B 45 0.63 11.03 -17.56
C MET B 45 0.86 12.49 -17.14
N THR B 46 0.18 13.41 -17.79
CA THR B 46 0.39 14.82 -17.47
C THR B 46 0.17 15.09 -15.99
N SER B 47 -0.90 14.52 -15.42
CA SER B 47 -1.16 14.76 -14.00
C SER B 47 -0.09 14.14 -13.12
N MET B 48 0.49 13.02 -13.56
CA MET B 48 1.58 12.43 -12.78
C MET B 48 2.83 13.27 -12.85
N GLU B 49 3.20 13.74 -14.04
CA GLU B 49 4.39 14.60 -14.18
C GLU B 49 4.19 15.93 -13.47
N GLU B 50 2.97 16.45 -13.49
CA GLU B 50 2.66 17.66 -12.71
C GLU B 50 2.89 17.42 -11.22
N LYS B 51 2.41 16.30 -10.69
CA LYS B 51 2.55 16.01 -9.26
C LYS B 51 4.02 15.90 -8.87
N LEU B 52 4.84 15.30 -9.73
CA LEU B 52 6.25 15.12 -9.40
C LEU B 52 6.97 16.44 -9.19
N LYS B 53 6.49 17.50 -9.84
CA LYS B 53 7.12 18.82 -9.71
C LYS B 53 7.04 19.37 -8.30
N VAL B 54 6.15 18.84 -7.46
CA VAL B 54 6.17 19.24 -6.05
C VAL B 54 7.54 18.99 -5.46
N ALA B 55 8.17 17.88 -5.85
CA ALA B 55 9.55 17.54 -5.47
C ALA B 55 9.71 17.34 -3.96
N ALA B 56 8.60 17.03 -3.28
CA ALA B 56 8.59 16.61 -1.88
C ALA B 56 7.30 15.84 -1.69
N PHE B 57 7.38 14.71 -1.01
CA PHE B 57 6.29 13.74 -1.04
C PHE B 57 5.98 13.28 0.39
N GLY B 58 5.43 14.22 1.15
CA GLY B 58 4.96 13.95 2.49
C GLY B 58 3.56 13.39 2.47
N TYR B 59 2.91 13.47 3.64
CA TYR B 59 1.65 12.79 3.85
C TYR B 59 0.53 13.49 3.09
N GLU B 60 -0.36 12.70 2.53
CA GLU B 60 -1.46 13.20 1.73
C GLU B 60 -2.80 12.82 2.34
N SER B 61 -3.73 13.75 2.30
CA SER B 61 -5.11 13.44 2.61
C SER B 61 -5.81 13.00 1.34
N VAL B 62 -7.05 12.54 1.46
CA VAL B 62 -7.88 12.25 0.31
C VAL B 62 -8.80 13.45 0.09
N PRO B 63 -8.63 14.20 -0.99
CA PRO B 63 -9.45 15.39 -1.19
C PRO B 63 -10.83 15.04 -1.70
N ALA B 64 -11.76 15.97 -1.45
CA ALA B 64 -13.10 15.84 -1.98
C ALA B 64 -13.09 15.66 -3.48
N GLU B 65 -12.09 16.23 -4.18
CA GLU B 65 -11.99 16.10 -5.63
C GLU B 65 -11.88 14.65 -6.07
N TYR B 66 -11.26 13.81 -5.25
CA TYR B 66 -11.11 12.40 -5.61
C TYR B 66 -12.46 11.71 -5.66
N TYR B 67 -13.27 11.89 -4.63
CA TYR B 67 -14.59 11.27 -4.61
C TYR B 67 -15.50 11.89 -5.66
N LYS B 68 -15.36 13.19 -5.89
CA LYS B 68 -16.14 13.83 -6.95
C LYS B 68 -15.82 13.21 -8.30
N ALA B 69 -14.54 13.00 -8.59
CA ALA B 69 -14.13 12.39 -9.85
C ALA B 69 -14.71 10.98 -9.97
N VAL B 70 -14.60 10.19 -8.90
CA VAL B 70 -15.16 8.84 -8.91
C VAL B 70 -16.64 8.88 -9.22
N ALA B 71 -17.36 9.76 -8.53
CA ALA B 71 -18.81 9.84 -8.70
C ALA B 71 -19.16 10.31 -10.11
N ASP B 72 -18.46 11.31 -10.61
CA ASP B 72 -18.70 11.79 -11.98
C ASP B 72 -18.44 10.69 -12.99
N TRP B 73 -17.37 9.93 -12.79
CA TRP B 73 -17.06 8.84 -13.70
C TRP B 73 -18.18 7.80 -13.70
N GLU B 74 -18.62 7.36 -12.51
CA GLU B 74 -19.68 6.36 -12.44
C GLU B 74 -20.97 6.91 -13.04
N GLU B 75 -21.23 8.20 -12.85
CA GLU B 75 -22.43 8.79 -13.44
C GLU B 75 -22.35 8.80 -14.96
N ILE B 76 -21.25 9.32 -15.51
CA ILE B 76 -21.15 9.46 -16.95
C ILE B 76 -21.05 8.11 -17.62
N GLU B 77 -20.17 7.25 -17.11
CA GLU B 77 -19.90 6.01 -17.81
C GLU B 77 -20.96 4.95 -17.54
N HIS B 78 -21.48 4.90 -16.32
CA HIS B 78 -22.39 3.83 -15.93
C HIS B 78 -23.75 4.33 -15.50
N ARG B 79 -23.99 5.64 -15.60
CA ARG B 79 -25.31 6.22 -15.34
C ARG B 79 -25.80 5.91 -13.93
N ALA B 80 -24.87 5.79 -12.99
CA ALA B 80 -25.19 5.53 -11.59
C ALA B 80 -24.23 6.37 -10.76
N ARG B 81 -24.69 7.52 -10.31
CA ARG B 81 -23.83 8.38 -9.51
C ARG B 81 -23.93 7.95 -8.05
N PRO B 82 -22.86 7.46 -7.44
CA PRO B 82 -22.88 7.24 -6.00
C PRO B 82 -22.86 8.57 -5.27
N LYS B 83 -23.30 8.55 -4.02
CA LYS B 83 -23.06 9.70 -3.16
C LYS B 83 -21.57 9.79 -2.89
N GLU B 84 -21.03 11.01 -2.97
CA GLU B 84 -19.59 11.14 -2.75
C GLU B 84 -19.20 10.72 -1.35
N ASP B 85 -20.05 10.95 -0.36
CA ASP B 85 -19.75 10.53 1.01
C ASP B 85 -19.80 9.02 1.19
N TRP B 86 -20.30 8.27 0.20
CA TRP B 86 -20.21 6.81 0.25
C TRP B 86 -18.80 6.31 -0.01
N CYS B 87 -17.93 7.14 -0.56
CA CYS B 87 -16.69 6.70 -1.16
C CYS B 87 -15.54 6.79 -0.17
N VAL B 88 -14.68 5.77 -0.18
CA VAL B 88 -13.54 5.70 0.72
C VAL B 88 -12.34 5.21 -0.08
N PHE B 89 -11.26 5.97 -0.05
CA PHE B 89 -10.05 5.56 -0.74
C PHE B 89 -9.49 4.29 -0.12
N ALA B 90 -9.02 3.38 -0.98
CA ALA B 90 -8.21 2.25 -0.53
C ALA B 90 -7.10 2.07 -1.55
N SER B 91 -5.96 1.56 -1.10
CA SER B 91 -4.83 1.47 -2.01
C SER B 91 -4.98 0.36 -3.04
N GLY B 92 -5.97 -0.49 -2.92
CA GLY B 92 -6.15 -1.54 -3.89
C GLY B 92 -7.41 -2.30 -3.57
N VAL B 93 -7.96 -2.93 -4.60
CA VAL B 93 -9.21 -3.67 -4.46
C VAL B 93 -9.00 -4.93 -3.64
N VAL B 94 -7.99 -5.72 -3.98
CA VAL B 94 -7.74 -6.97 -3.25
C VAL B 94 -7.32 -6.66 -1.82
N PRO B 95 -6.43 -5.68 -1.54
CA PRO B 95 -6.19 -5.33 -0.14
C PRO B 95 -7.45 -4.89 0.60
N ALA B 96 -8.34 -4.17 -0.08
CA ALA B 96 -9.60 -3.76 0.55
C ALA B 96 -10.47 -4.98 0.88
N ILE B 97 -10.55 -5.95 -0.04
CA ILE B 97 -11.27 -7.18 0.28
C ILE B 97 -10.64 -7.85 1.49
N SER B 98 -9.30 -7.95 1.49
CA SER B 98 -8.60 -8.62 2.58
C SER B 98 -8.88 -7.96 3.92
N ALA B 99 -8.88 -6.62 3.95
CA ALA B 99 -9.20 -5.90 5.18
C ALA B 99 -10.64 -6.12 5.60
N MET B 100 -11.56 -6.19 4.65
CA MET B 100 -12.97 -6.36 4.99
C MET B 100 -13.25 -7.80 5.41
N VAL B 101 -12.49 -8.75 4.87
CA VAL B 101 -12.55 -10.12 5.38
C VAL B 101 -12.22 -10.12 6.86
N ARG B 102 -11.16 -9.43 7.25
CA ARG B 102 -10.74 -9.43 8.65
C ARG B 102 -11.73 -8.64 9.50
N GLN B 103 -12.26 -7.54 8.97
CA GLN B 103 -13.09 -6.66 9.80
C GLN B 103 -14.51 -7.19 9.93
N PHE B 104 -15.06 -7.79 8.88
CA PHE B 104 -16.49 -8.08 8.86
C PHE B 104 -16.81 -9.56 8.95
N THR B 105 -15.81 -10.43 9.04
CA THR B 105 -16.04 -11.84 9.33
C THR B 105 -15.11 -12.25 10.47
N SER B 106 -15.36 -13.44 11.01
CA SER B 106 -14.53 -14.00 12.06
C SER B 106 -13.69 -15.15 11.50
N PRO B 107 -12.53 -15.44 12.08
CA PRO B 107 -11.78 -16.63 11.66
C PRO B 107 -12.67 -17.86 11.68
N GLY B 108 -12.60 -18.64 10.60
CA GLY B 108 -13.42 -19.81 10.45
C GLY B 108 -14.72 -19.57 9.75
N ASP B 109 -15.14 -18.31 9.64
CA ASP B 109 -16.32 -18.04 8.84
C ASP B 109 -16.04 -18.42 7.40
N GLN B 110 -17.11 -18.73 6.70
CA GLN B 110 -17.04 -19.04 5.29
C GLN B 110 -17.36 -17.81 4.47
N ILE B 111 -16.70 -17.72 3.33
CA ILE B 111 -16.90 -16.60 2.41
C ILE B 111 -17.18 -17.18 1.04
N LEU B 112 -18.29 -16.74 0.45
CA LEU B 112 -18.79 -17.36 -0.77
C LEU B 112 -18.22 -16.68 -1.99
N VAL B 113 -17.81 -17.51 -2.95
CA VAL B 113 -17.43 -17.05 -4.27
C VAL B 113 -18.15 -17.96 -5.26
N GLN B 114 -18.04 -17.62 -6.54
CA GLN B 114 -18.65 -18.41 -7.60
C GLN B 114 -17.53 -18.90 -8.50
N GLU B 115 -17.05 -20.13 -8.27
CA GLU B 115 -15.94 -20.64 -9.06
C GLU B 115 -16.40 -20.97 -10.49
N PRO B 116 -15.51 -20.84 -11.49
CA PRO B 116 -14.13 -20.35 -11.37
C PRO B 116 -14.12 -18.83 -11.26
N VAL B 117 -13.27 -18.37 -10.36
CA VAL B 117 -13.20 -16.92 -10.12
C VAL B 117 -11.73 -16.60 -9.87
N TYR B 118 -11.44 -15.29 -10.02
CA TYR B 118 -10.12 -14.66 -9.75
C TYR B 118 -9.36 -15.34 -8.63
N ASN B 119 -8.14 -15.82 -8.95
CA ASN B 119 -7.38 -16.55 -7.92
C ASN B 119 -7.10 -15.79 -6.62
N MET B 120 -6.94 -14.49 -6.70
CA MET B 120 -6.57 -13.78 -5.49
C MET B 120 -7.70 -13.76 -4.46
N PHE B 121 -8.94 -13.98 -4.88
CA PHE B 121 -10.03 -14.15 -3.93
C PHE B 121 -9.71 -15.27 -2.93
N TYR B 122 -9.25 -16.42 -3.43
CA TYR B 122 -8.95 -17.54 -2.54
C TYR B 122 -7.82 -17.19 -1.58
N SER B 123 -6.77 -16.54 -2.08
CA SER B 123 -5.62 -16.23 -1.24
C SER B 123 -6.02 -15.36 -0.06
N VAL B 124 -6.82 -14.31 -0.31
CA VAL B 124 -7.14 -13.42 0.80
C VAL B 124 -8.22 -14.01 1.70
N ILE B 125 -9.02 -14.96 1.20
CA ILE B 125 -9.94 -15.64 2.10
C ILE B 125 -9.19 -16.65 2.96
N GLU B 126 -8.49 -17.56 2.31
CA GLU B 126 -7.81 -18.65 3.02
C GLU B 126 -6.63 -18.15 3.84
N GLY B 127 -5.85 -17.21 3.31
CA GLY B 127 -4.70 -16.71 4.05
C GLY B 127 -5.10 -15.97 5.30
N ASN B 128 -6.27 -15.35 5.30
CA ASN B 128 -6.79 -14.70 6.50
C ASN B 128 -7.48 -15.67 7.43
N GLY B 129 -7.47 -16.96 7.13
CA GLY B 129 -8.12 -17.91 8.00
C GLY B 129 -9.62 -17.88 7.92
N ARG B 130 -10.17 -17.51 6.78
CA ARG B 130 -11.57 -17.78 6.51
C ARG B 130 -11.63 -18.92 5.49
N ARG B 131 -12.82 -19.47 5.30
CA ARG B 131 -12.95 -20.65 4.46
C ARG B 131 -13.71 -20.30 3.19
N VAL B 132 -13.13 -20.69 2.05
CA VAL B 132 -13.82 -20.52 0.78
C VAL B 132 -14.97 -21.52 0.69
N ILE B 133 -16.15 -21.01 0.38
CA ILE B 133 -17.25 -21.85 -0.07
C ILE B 133 -17.65 -21.33 -1.44
N SER B 134 -17.92 -22.25 -2.36
CA SER B 134 -18.29 -21.84 -3.70
C SER B 134 -19.67 -22.37 -4.03
N SER B 135 -20.49 -21.54 -4.64
CA SER B 135 -21.60 -22.01 -5.45
C SER B 135 -21.08 -22.00 -6.87
N ASP B 136 -20.64 -23.17 -7.33
CA ASP B 136 -19.96 -23.24 -8.62
C ASP B 136 -20.87 -22.74 -9.72
N LEU B 137 -20.31 -21.98 -10.64
CA LEU B 137 -21.00 -21.73 -11.89
C LEU B 137 -21.05 -23.03 -12.69
N ILE B 138 -22.19 -23.31 -13.27
CA ILE B 138 -22.37 -24.58 -13.97
C ILE B 138 -22.05 -24.38 -15.44
N TYR B 139 -21.20 -25.24 -15.97
CA TYR B 139 -20.71 -25.11 -17.34
C TYR B 139 -21.45 -26.11 -18.22
N GLU B 140 -22.37 -25.60 -19.04
CA GLU B 140 -23.11 -26.43 -20.02
C GLU B 140 -23.47 -25.56 -21.23
N ASN B 141 -23.46 -26.13 -22.44
CA ASN B 141 -23.71 -25.43 -23.71
C ASN B 141 -22.79 -24.21 -23.85
N SER B 142 -21.52 -24.39 -23.49
CA SER B 142 -20.46 -23.39 -23.66
C SER B 142 -20.76 -22.09 -22.91
N LYS B 143 -21.61 -22.16 -21.90
CA LYS B 143 -21.91 -21.01 -21.06
C LYS B 143 -21.94 -21.45 -19.61
N TYR B 144 -21.63 -20.51 -18.74
CA TYR B 144 -21.77 -20.70 -17.31
C TYR B 144 -23.12 -20.18 -16.84
N SER B 145 -23.72 -20.88 -15.89
CA SER B 145 -24.95 -20.40 -15.31
C SER B 145 -24.87 -20.59 -13.80
N VAL B 146 -25.74 -19.88 -13.11
CA VAL B 146 -25.78 -19.87 -11.66
C VAL B 146 -26.85 -20.84 -11.20
N ASN B 147 -26.48 -21.70 -10.24
CA ASN B 147 -27.49 -22.48 -9.52
C ASN B 147 -27.99 -21.60 -8.39
N TRP B 148 -29.11 -20.93 -8.63
CA TRP B 148 -29.62 -19.94 -7.68
C TRP B 148 -30.07 -20.57 -6.37
N ALA B 149 -30.64 -21.78 -6.44
CA ALA B 149 -31.00 -22.49 -5.21
C ALA B 149 -29.77 -22.79 -4.37
N ASP B 150 -28.71 -23.28 -5.02
CA ASP B 150 -27.48 -23.60 -4.31
C ASP B 150 -26.82 -22.35 -3.76
N LEU B 151 -26.81 -21.28 -4.54
CA LEU B 151 -26.25 -20.01 -4.08
C LEU B 151 -26.94 -19.56 -2.80
N GLU B 152 -28.27 -19.55 -2.79
CA GLU B 152 -28.99 -19.06 -1.61
C GLU B 152 -28.81 -20.00 -0.42
N GLU B 153 -28.83 -21.31 -0.67
CA GLU B 153 -28.61 -22.27 0.41
C GLU B 153 -27.29 -22.00 1.10
N LYS B 154 -26.27 -21.62 0.34
CA LYS B 154 -24.97 -21.34 0.95
C LYS B 154 -24.95 -19.98 1.62
N LEU B 155 -25.49 -18.94 0.97
CA LEU B 155 -25.62 -17.65 1.63
C LEU B 155 -26.37 -17.76 2.96
N ALA B 156 -27.42 -18.58 3.00
CA ALA B 156 -28.25 -18.75 4.20
C ALA B 156 -27.57 -19.57 5.29
N THR B 157 -26.42 -20.15 5.01
CA THR B 157 -25.70 -20.92 6.00
C THR B 157 -25.14 -19.97 7.06
N PRO B 158 -25.38 -20.23 8.35
CA PRO B 158 -24.96 -19.27 9.39
C PRO B 158 -23.49 -18.86 9.30
N SER B 159 -22.58 -19.79 9.04
CA SER B 159 -21.17 -19.46 8.99
C SER B 159 -20.77 -18.74 7.71
N VAL B 160 -21.65 -18.68 6.70
CA VAL B 160 -21.36 -17.95 5.47
C VAL B 160 -21.74 -16.49 5.72
N ARG B 161 -20.72 -15.62 5.77
CA ARG B 161 -20.88 -14.26 6.29
C ARG B 161 -20.62 -13.18 5.27
N MET B 162 -20.04 -13.54 4.12
CA MET B 162 -19.66 -12.57 3.12
C MET B 162 -19.72 -13.28 1.78
N MET B 163 -20.08 -12.53 0.75
CA MET B 163 -19.94 -13.00 -0.62
C MET B 163 -19.02 -12.05 -1.35
N VAL B 164 -17.97 -12.58 -1.95
CA VAL B 164 -17.08 -11.80 -2.81
C VAL B 164 -17.53 -12.07 -4.23
N PHE B 165 -18.18 -11.07 -4.81
CA PHE B 165 -18.90 -11.14 -6.05
C PHE B 165 -18.08 -10.40 -7.09
N CYS B 166 -17.78 -11.06 -8.20
CA CYS B 166 -16.89 -10.51 -9.20
C CYS B 166 -17.78 -10.00 -10.33
N ASN B 167 -17.82 -8.68 -10.49
CA ASN B 167 -18.89 -8.03 -11.26
C ASN B 167 -18.31 -6.86 -12.04
N PRO B 168 -17.90 -7.08 -13.30
CA PRO B 168 -17.97 -8.30 -14.11
C PRO B 168 -17.05 -9.41 -13.63
N HIS B 169 -17.41 -10.62 -14.01
CA HIS B 169 -16.76 -11.82 -13.47
C HIS B 169 -15.51 -12.14 -14.27
N ASN B 170 -14.39 -12.23 -13.58
CA ASN B 170 -13.11 -12.73 -14.07
C ASN B 170 -12.94 -14.13 -13.52
N PRO B 171 -12.61 -15.17 -14.33
CA PRO B 171 -12.06 -15.09 -15.69
C PRO B 171 -13.03 -15.28 -16.86
N ILE B 172 -14.31 -15.54 -16.58
CA ILE B 172 -15.27 -15.87 -17.63
C ILE B 172 -15.70 -14.65 -18.43
N GLY B 173 -15.44 -13.45 -17.91
CA GLY B 173 -15.62 -12.21 -18.65
C GLY B 173 -17.08 -11.85 -18.85
N TYR B 174 -17.86 -11.92 -17.77
CA TYR B 174 -19.32 -11.76 -17.85
C TYR B 174 -19.78 -10.57 -17.02
N ALA B 175 -20.42 -9.61 -17.66
CA ALA B 175 -21.05 -8.51 -16.94
C ALA B 175 -22.50 -8.89 -16.64
N TRP B 176 -22.76 -9.05 -15.36
CA TRP B 176 -24.10 -9.40 -14.85
C TRP B 176 -25.18 -8.39 -15.26
N SER B 177 -26.38 -8.92 -15.42
CA SER B 177 -27.51 -8.05 -15.75
C SER B 177 -27.93 -7.38 -14.44
N GLU B 178 -28.71 -6.30 -14.55
CA GLU B 178 -29.25 -5.61 -13.37
C GLU B 178 -30.03 -6.59 -12.50
N GLU B 179 -30.80 -7.45 -13.14
CA GLU B 179 -31.63 -8.38 -12.37
C GLU B 179 -30.70 -9.27 -11.55
N GLU B 180 -29.63 -9.74 -12.17
CA GLU B 180 -28.76 -10.71 -11.46
C GLU B 180 -28.07 -9.98 -10.30
N VAL B 181 -27.65 -8.75 -10.55
CA VAL B 181 -26.92 -8.04 -9.50
C VAL B 181 -27.84 -7.76 -8.33
N LYS B 182 -29.03 -7.23 -8.61
CA LYS B 182 -30.00 -6.94 -7.57
C LYS B 182 -30.49 -8.21 -6.90
N ARG B 183 -30.62 -9.30 -7.64
CA ARG B 183 -31.01 -10.56 -7.00
C ARG B 183 -29.95 -11.02 -6.02
N ILE B 184 -28.67 -10.87 -6.37
CA ILE B 184 -27.62 -11.33 -5.47
C ILE B 184 -27.52 -10.39 -4.27
N ALA B 185 -27.61 -9.07 -4.51
CA ALA B 185 -27.62 -8.14 -3.39
C ALA B 185 -28.82 -8.39 -2.49
N GLU B 186 -30.00 -8.66 -3.06
CA GLU B 186 -31.15 -8.94 -2.22
C GLU B 186 -30.97 -10.24 -1.44
N LEU B 187 -30.41 -11.26 -2.10
CA LEU B 187 -30.13 -12.52 -1.41
C LEU B 187 -29.20 -12.31 -0.23
N CYS B 188 -28.12 -11.56 -0.44
CA CYS B 188 -27.19 -11.29 0.65
C CYS B 188 -27.87 -10.53 1.77
N ALA B 189 -28.57 -9.46 1.43
CA ALA B 189 -29.26 -8.67 2.45
C ALA B 189 -30.25 -9.54 3.22
N LYS B 190 -31.06 -10.31 2.51
CA LYS B 190 -32.03 -11.20 3.13
C LYS B 190 -31.39 -12.07 4.21
N HIS B 191 -30.22 -12.64 3.90
CA HIS B 191 -29.55 -13.56 4.80
C HIS B 191 -28.45 -12.89 5.62
N GLN B 192 -28.46 -11.55 5.66
CA GLN B 192 -27.55 -10.78 6.49
C GLN B 192 -26.09 -11.08 6.15
N VAL B 193 -25.83 -11.22 4.85
CA VAL B 193 -24.51 -11.47 4.31
C VAL B 193 -24.02 -10.21 3.61
N LEU B 194 -22.78 -9.84 3.87
CA LEU B 194 -22.19 -8.67 3.23
C LEU B 194 -21.80 -9.02 1.81
N LEU B 195 -22.30 -8.26 0.84
CA LEU B 195 -21.91 -8.43 -0.56
C LEU B 195 -20.75 -7.50 -0.85
N ILE B 196 -19.59 -8.08 -1.17
CA ILE B 196 -18.43 -7.31 -1.65
C ILE B 196 -18.43 -7.44 -3.16
N SER B 197 -18.79 -6.38 -3.87
CA SER B 197 -18.89 -6.41 -5.33
C SER B 197 -17.62 -5.83 -5.91
N ASP B 198 -16.75 -6.71 -6.41
CA ASP B 198 -15.49 -6.33 -7.04
C ASP B 198 -15.80 -5.88 -8.45
N GLU B 199 -15.82 -4.57 -8.68
CA GLU B 199 -16.26 -4.01 -9.95
C GLU B 199 -15.08 -3.47 -10.75
N ILE B 200 -13.92 -4.09 -10.58
CA ILE B 200 -12.71 -3.55 -11.21
C ILE B 200 -12.71 -3.70 -12.73
N HIS B 201 -13.50 -4.62 -13.29
CA HIS B 201 -13.59 -4.74 -14.75
C HIS B 201 -14.78 -3.98 -15.31
N GLY B 202 -15.43 -3.16 -14.49
CA GLY B 202 -16.70 -2.56 -14.88
C GLY B 202 -16.61 -1.59 -16.04
N ASP B 203 -15.45 -0.95 -16.21
CA ASP B 203 -15.34 -0.03 -17.35
C ASP B 203 -15.00 -0.74 -18.64
N LEU B 204 -14.81 -2.05 -18.59
CA LEU B 204 -14.30 -2.81 -19.72
C LEU B 204 -15.35 -3.77 -20.27
N VAL B 205 -16.62 -3.37 -20.23
CA VAL B 205 -17.65 -4.11 -20.95
C VAL B 205 -17.50 -3.72 -22.42
N LEU B 206 -17.05 -4.66 -23.24
CA LEU B 206 -16.67 -4.35 -24.60
C LEU B 206 -17.85 -4.12 -25.53
N THR B 207 -19.08 -4.34 -25.07
CA THR B 207 -20.35 -4.02 -25.73
C THR B 207 -20.95 -2.75 -25.07
N ASP B 208 -22.18 -2.39 -25.44
CA ASP B 208 -22.81 -1.25 -24.76
C ASP B 208 -23.67 -1.68 -23.58
N GLU B 209 -23.85 -2.98 -23.39
CA GLU B 209 -24.46 -3.47 -22.16
C GLU B 209 -23.73 -2.87 -20.99
N ASP B 210 -24.48 -2.28 -20.07
CA ASP B 210 -23.76 -1.64 -18.99
C ASP B 210 -23.59 -2.60 -17.84
N ILE B 211 -22.70 -2.24 -16.94
CA ILE B 211 -22.68 -2.90 -15.65
C ILE B 211 -23.78 -2.33 -14.78
N THR B 212 -24.11 -3.08 -13.75
CA THR B 212 -24.97 -2.61 -12.68
C THR B 212 -24.10 -2.62 -11.44
N PRO B 213 -23.62 -1.47 -11.00
CA PRO B 213 -22.88 -1.40 -9.73
C PRO B 213 -23.78 -1.86 -8.60
N ALA B 214 -23.18 -2.58 -7.66
CA ALA B 214 -23.95 -3.09 -6.53
C ALA B 214 -24.58 -1.96 -5.74
N PHE B 215 -23.93 -0.79 -5.67
CA PHE B 215 -24.49 0.27 -4.85
C PHE B 215 -25.81 0.82 -5.41
N THR B 216 -26.20 0.44 -6.63
CA THR B 216 -27.47 0.90 -7.17
C THR B 216 -28.65 0.05 -6.74
N VAL B 217 -28.43 -1.05 -6.00
CA VAL B 217 -29.56 -1.83 -5.50
C VAL B 217 -30.39 -0.95 -4.56
N ASP B 218 -31.70 -1.26 -4.47
CA ASP B 218 -32.61 -0.49 -3.63
C ASP B 218 -32.29 -0.65 -2.14
N TRP B 219 -32.92 0.21 -1.33
CA TRP B 219 -32.45 0.54 0.03
C TRP B 219 -32.69 -0.51 1.09
N ASP B 220 -33.50 -1.52 0.88
CA ASP B 220 -33.37 -2.67 1.76
C ASP B 220 -31.96 -3.24 1.65
N ALA B 221 -31.62 -3.68 0.45
CA ALA B 221 -30.35 -4.38 0.25
C ALA B 221 -29.14 -3.44 0.17
N LYS B 222 -29.32 -2.15 -0.12
CA LYS B 222 -28.17 -1.28 -0.33
C LYS B 222 -27.28 -1.17 0.91
N ASN B 223 -27.85 -1.36 2.09
CA ASN B 223 -27.05 -1.32 3.32
C ASN B 223 -26.16 -2.54 3.49
N TRP B 224 -26.26 -3.52 2.61
CA TRP B 224 -25.47 -4.74 2.72
C TRP B 224 -24.44 -4.88 1.60
N VAL B 225 -24.15 -3.78 0.89
CA VAL B 225 -23.26 -3.88 -0.27
C VAL B 225 -22.07 -2.94 -0.14
N VAL B 226 -20.99 -3.34 -0.81
CA VAL B 226 -19.77 -2.56 -1.00
C VAL B 226 -19.38 -2.75 -2.45
N SER B 227 -19.25 -1.66 -3.20
CA SER B 227 -18.71 -1.72 -4.54
C SER B 227 -17.24 -1.30 -4.50
N LEU B 228 -16.38 -2.07 -5.15
CA LEU B 228 -14.96 -1.76 -5.19
C LEU B 228 -14.59 -1.44 -6.63
N ILE B 229 -13.98 -0.27 -6.82
CA ILE B 229 -13.57 0.16 -8.15
C ILE B 229 -12.14 0.69 -8.07
N SER B 230 -11.53 0.79 -9.25
CA SER B 230 -10.16 1.26 -9.38
C SER B 230 -9.95 1.66 -10.83
N PRO B 231 -9.10 2.65 -11.10
CA PRO B 231 -8.67 2.90 -12.47
C PRO B 231 -7.66 1.89 -12.99
N SER B 232 -7.28 0.90 -12.20
CA SER B 232 -6.08 0.14 -12.55
C SER B 232 -6.29 -0.73 -13.78
N LYS B 233 -7.37 -1.52 -13.81
CA LYS B 233 -7.57 -2.38 -14.98
C LYS B 233 -7.98 -1.57 -16.20
N THR B 234 -8.84 -0.57 -15.99
CA THR B 234 -9.32 0.27 -17.09
C THR B 234 -8.20 1.01 -17.79
N PHE B 235 -7.25 1.56 -17.02
CA PHE B 235 -6.30 2.51 -17.56
C PHE B 235 -4.87 2.01 -17.57
N ASN B 236 -4.65 0.73 -17.23
CA ASN B 236 -3.32 0.11 -17.19
C ASN B 236 -2.47 0.70 -16.07
N LEU B 237 -3.02 0.71 -14.86
CA LEU B 237 -2.39 1.34 -13.70
C LEU B 237 -2.37 0.41 -12.50
N ALA B 238 -2.06 -0.87 -12.70
CA ALA B 238 -2.00 -1.82 -11.59
C ALA B 238 -1.13 -1.32 -10.45
N ALA B 239 0.06 -0.80 -10.78
CA ALA B 239 0.99 -0.36 -9.74
C ALA B 239 0.69 1.05 -9.24
N LEU B 240 -0.41 1.69 -9.68
CA LEU B 240 -0.72 3.01 -9.12
C LEU B 240 -1.21 2.87 -7.69
N HIS B 241 -1.95 1.79 -7.40
CA HIS B 241 -2.46 1.51 -6.07
C HIS B 241 -3.44 2.61 -5.64
N ALA B 242 -4.40 2.89 -6.52
CA ALA B 242 -5.54 3.75 -6.21
C ALA B 242 -6.81 2.94 -6.41
N ALA B 243 -7.68 2.96 -5.41
CA ALA B 243 -8.96 2.28 -5.54
C ALA B 243 -9.97 3.05 -4.70
N CYS B 244 -11.20 2.57 -4.73
CA CYS B 244 -12.22 3.28 -3.99
C CYS B 244 -13.29 2.28 -3.60
N ALA B 245 -13.66 2.25 -2.32
CA ALA B 245 -14.79 1.48 -1.87
C ALA B 245 -15.99 2.41 -1.82
N ILE B 246 -17.13 1.92 -2.30
CA ILE B 246 -18.37 2.68 -2.29
C ILE B 246 -19.34 1.94 -1.37
N ILE B 247 -19.60 2.53 -0.22
CA ILE B 247 -20.28 1.85 0.87
C ILE B 247 -21.43 2.72 1.34
N PRO B 248 -22.65 2.48 0.84
CA PRO B 248 -23.79 3.32 1.24
C PRO B 248 -24.06 3.30 2.74
N ASN B 249 -23.86 2.16 3.40
CA ASN B 249 -24.13 2.07 4.83
C ASN B 249 -23.07 2.86 5.58
N PRO B 250 -23.44 3.93 6.28
CA PRO B 250 -22.41 4.80 6.88
C PRO B 250 -21.60 4.12 7.96
N ASP B 251 -22.18 3.17 8.69
CA ASP B 251 -21.40 2.57 9.77
C ASP B 251 -20.45 1.51 9.23
N LEU B 252 -20.96 0.67 8.34
CA LEU B 252 -20.10 -0.21 7.55
C LEU B 252 -18.95 0.55 6.93
N ARG B 253 -19.25 1.71 6.34
CA ARG B 253 -18.24 2.47 5.62
C ARG B 253 -17.14 2.93 6.55
N ALA B 254 -17.54 3.52 7.69
CA ALA B 254 -16.57 3.99 8.66
C ALA B 254 -15.75 2.84 9.22
N ARG B 255 -16.36 1.67 9.38
CA ARG B 255 -15.61 0.52 9.88
C ARG B 255 -14.64 0.00 8.84
N ALA B 256 -15.07 -0.03 7.57
CA ALA B 256 -14.14 -0.42 6.51
C ALA B 256 -12.99 0.56 6.40
N GLU B 257 -13.28 1.86 6.49
CA GLU B 257 -12.22 2.85 6.45
C GLU B 257 -11.23 2.62 7.59
N GLU B 258 -11.73 2.33 8.80
CA GLU B 258 -10.82 2.08 9.92
C GLU B 258 -9.96 0.85 9.66
N SER B 259 -10.54 -0.21 9.09
CA SER B 259 -9.79 -1.40 8.75
C SER B 259 -8.75 -1.12 7.66
N PHE B 260 -9.04 -0.22 6.72
CA PHE B 260 -8.05 0.16 5.72
C PHE B 260 -6.86 0.84 6.38
N PHE B 261 -7.14 1.80 7.26
CA PHE B 261 -6.08 2.52 7.93
C PHE B 261 -5.22 1.59 8.76
N LEU B 262 -5.87 0.68 9.50
CA LEU B 262 -5.17 -0.27 10.35
C LEU B 262 -4.26 -1.19 9.53
N ALA B 263 -4.74 -1.63 8.36
CA ALA B 263 -3.97 -2.54 7.52
C ALA B 263 -2.82 -1.84 6.81
N GLY B 264 -2.90 -0.53 6.63
CA GLY B 264 -1.92 0.21 5.87
C GLY B 264 -2.26 0.43 4.43
N ILE B 265 -3.55 0.44 4.08
CA ILE B 265 -3.98 0.63 2.70
C ILE B 265 -4.93 1.81 2.58
N GLY B 266 -5.03 2.65 3.62
CA GLY B 266 -5.99 3.73 3.62
C GLY B 266 -5.42 5.07 3.15
N GLU B 267 -4.09 5.10 3.04
CA GLU B 267 -3.38 6.37 2.72
C GLU B 267 -2.87 6.39 1.27
N PRO B 268 -3.18 7.43 0.44
CA PRO B 268 -2.67 7.44 -0.93
C PRO B 268 -1.17 7.60 -0.98
N ASN B 269 -0.55 6.91 -1.93
CA ASN B 269 0.84 7.21 -2.25
C ASN B 269 0.91 8.49 -3.07
N LEU B 270 2.12 8.84 -3.50
CA LEU B 270 2.40 10.17 -4.02
C LEU B 270 1.73 10.45 -5.36
N LEU B 271 1.28 9.43 -6.08
CA LEU B 271 0.63 9.67 -7.37
C LEU B 271 -0.83 9.26 -7.40
N ALA B 272 -1.32 8.53 -6.39
CA ALA B 272 -2.63 7.90 -6.48
C ALA B 272 -3.74 8.93 -6.70
N ILE B 273 -3.68 10.05 -6.01
CA ILE B 273 -4.77 11.02 -6.02
C ILE B 273 -4.79 11.76 -7.37
N PRO B 274 -3.72 12.46 -7.78
CA PRO B 274 -3.83 13.18 -9.07
C PRO B 274 -4.02 12.25 -10.26
N ALA B 275 -3.36 11.10 -10.27
CA ALA B 275 -3.48 10.20 -11.41
C ALA B 275 -4.88 9.62 -11.52
N ALA B 276 -5.50 9.23 -10.39
CA ALA B 276 -6.87 8.71 -10.44
C ALA B 276 -7.86 9.80 -10.82
N ILE B 277 -7.68 11.02 -10.30
CA ILE B 277 -8.58 12.11 -10.66
C ILE B 277 -8.51 12.37 -12.15
N ALA B 278 -7.29 12.41 -12.69
CA ALA B 278 -7.14 12.65 -14.13
C ALA B 278 -7.77 11.52 -14.94
N ALA B 279 -7.58 10.28 -14.51
CA ALA B 279 -8.22 9.16 -15.22
C ALA B 279 -9.73 9.29 -15.21
N TYR B 280 -10.32 9.60 -14.06
CA TYR B 280 -11.77 9.63 -13.95
C TYR B 280 -12.37 10.93 -14.47
N GLU B 281 -11.58 11.99 -14.58
CA GLU B 281 -12.06 13.23 -15.15
C GLU B 281 -11.85 13.29 -16.66
N GLU B 282 -10.74 12.74 -17.15
CA GLU B 282 -10.33 12.97 -18.54
C GLU B 282 -10.03 11.69 -19.30
N GLY B 283 -10.30 10.52 -18.74
CA GLY B 283 -9.99 9.26 -19.40
C GLY B 283 -11.04 8.75 -20.36
N HIS B 284 -12.16 9.46 -20.52
CA HIS B 284 -13.29 8.96 -21.30
C HIS B 284 -12.89 8.70 -22.74
N ASN B 285 -12.25 9.68 -23.38
CA ASN B 285 -11.89 9.55 -24.79
C ASN B 285 -10.92 8.40 -25.02
N TRP B 286 -9.93 8.26 -24.14
CA TRP B 286 -8.95 7.19 -24.30
C TRP B 286 -9.62 5.83 -24.14
N LEU B 287 -10.49 5.70 -23.14
CA LEU B 287 -11.21 4.45 -22.94
C LEU B 287 -12.08 4.12 -24.15
N ARG B 288 -12.76 5.13 -24.70
CA ARG B 288 -13.54 4.93 -25.91
C ARG B 288 -12.70 4.29 -27.01
N GLU B 289 -11.51 4.84 -27.25
CA GLU B 289 -10.63 4.29 -28.29
C GLU B 289 -10.08 2.93 -27.88
N LEU B 290 -9.73 2.76 -26.61
CA LEU B 290 -9.26 1.46 -26.15
C LEU B 290 -10.28 0.37 -26.48
N LYS B 291 -11.56 0.62 -26.18
CA LYS B 291 -12.57 -0.41 -26.41
C LYS B 291 -12.71 -0.72 -27.91
N GLN B 292 -12.48 0.28 -28.76
CA GLN B 292 -12.46 0.01 -30.19
C GLN B 292 -11.29 -0.90 -30.57
N VAL B 293 -10.12 -0.67 -29.98
CA VAL B 293 -8.98 -1.55 -30.23
C VAL B 293 -9.26 -2.95 -29.70
N LEU B 294 -9.81 -3.04 -28.47
CA LEU B 294 -10.05 -4.34 -27.86
C LEU B 294 -11.07 -5.14 -28.64
N ARG B 295 -12.14 -4.49 -29.10
CA ARG B 295 -13.13 -5.20 -29.91
C ARG B 295 -12.49 -5.68 -31.21
N ASP B 296 -11.55 -4.92 -31.75
CA ASP B 296 -10.85 -5.37 -32.94
C ASP B 296 -9.98 -6.58 -32.63
N ASN B 297 -9.26 -6.55 -31.50
CA ASN B 297 -8.42 -7.69 -31.13
C ASN B 297 -9.27 -8.93 -30.87
N PHE B 298 -10.41 -8.76 -30.20
CA PHE B 298 -11.28 -9.89 -29.89
C PHE B 298 -11.95 -10.42 -31.15
N ALA B 299 -12.37 -9.54 -32.05
CA ALA B 299 -12.97 -10.03 -33.29
C ALA B 299 -11.97 -10.88 -34.06
N TYR B 300 -10.73 -10.40 -34.17
CA TYR B 300 -9.69 -11.18 -34.82
C TYR B 300 -9.46 -12.50 -34.10
N ALA B 301 -9.25 -12.45 -32.78
CA ALA B 301 -8.91 -13.66 -32.02
C ALA B 301 -10.03 -14.68 -32.07
N ARG B 302 -11.28 -14.23 -31.89
CA ARG B 302 -12.40 -15.17 -31.94
C ARG B 302 -12.56 -15.74 -33.34
N GLU B 303 -12.44 -14.91 -34.38
CA GLU B 303 -12.56 -15.43 -35.73
C GLU B 303 -11.42 -16.42 -36.03
N PHE B 304 -10.19 -16.04 -35.69
CA PHE B 304 -9.05 -16.92 -35.93
C PHE B 304 -9.24 -18.28 -35.28
N LEU B 305 -9.54 -18.30 -33.98
CA LEU B 305 -9.66 -19.58 -33.28
C LEU B 305 -10.85 -20.38 -33.80
N ALA B 306 -11.94 -19.69 -34.15
CA ALA B 306 -13.08 -20.40 -34.74
C ALA B 306 -12.66 -21.12 -36.03
N LYS B 307 -11.96 -20.43 -36.89
CA LYS B 307 -11.70 -21.04 -38.21
C LYS B 307 -10.46 -21.93 -38.18
N GLU B 308 -9.53 -21.66 -37.29
CA GLU B 308 -8.24 -22.29 -37.40
C GLU B 308 -7.91 -23.26 -36.29
N VAL B 309 -8.54 -23.12 -35.12
CA VAL B 309 -8.26 -23.98 -33.98
C VAL B 309 -9.59 -24.51 -33.44
N PRO B 310 -10.29 -25.38 -34.18
CA PRO B 310 -11.55 -25.93 -33.66
C PRO B 310 -11.36 -26.79 -32.41
N GLU B 311 -10.13 -27.16 -32.06
CA GLU B 311 -9.90 -27.93 -30.85
C GLU B 311 -10.18 -27.12 -29.58
N VAL B 312 -10.19 -25.79 -29.68
CA VAL B 312 -10.45 -24.93 -28.53
C VAL B 312 -11.76 -24.20 -28.77
N LYS B 313 -12.33 -23.69 -27.69
CA LYS B 313 -13.58 -22.93 -27.75
C LYS B 313 -13.43 -21.68 -26.88
N VAL B 314 -13.44 -20.50 -27.51
CA VAL B 314 -13.43 -19.24 -26.79
C VAL B 314 -14.84 -19.00 -26.27
N LEU B 315 -14.98 -18.91 -24.96
CA LEU B 315 -16.29 -18.70 -24.39
C LEU B 315 -16.82 -17.32 -24.77
N ASP B 316 -18.11 -17.27 -25.07
CA ASP B 316 -18.79 -15.99 -25.21
C ASP B 316 -18.58 -15.17 -23.95
N SER B 317 -18.07 -13.96 -24.12
CA SER B 317 -17.85 -13.06 -23.00
C SER B 317 -18.17 -11.65 -23.49
N ASN B 318 -18.56 -10.78 -22.58
CA ASN B 318 -18.77 -9.39 -22.96
C ASN B 318 -17.96 -8.41 -22.15
N ALA B 319 -17.17 -8.90 -21.20
CA ALA B 319 -16.42 -7.98 -20.34
C ALA B 319 -14.98 -8.42 -20.10
N SER B 320 -14.13 -7.46 -19.78
CA SER B 320 -12.70 -7.71 -19.56
C SER B 320 -11.98 -7.79 -20.91
N TYR B 321 -10.66 -7.60 -20.85
CA TYR B 321 -9.83 -7.79 -22.06
C TYR B 321 -9.23 -9.20 -22.04
N LEU B 322 -9.84 -10.08 -21.25
CA LEU B 322 -9.35 -11.44 -21.10
C LEU B 322 -10.31 -12.41 -21.79
N ALA B 323 -9.74 -13.38 -22.50
CA ALA B 323 -10.51 -14.42 -23.15
C ALA B 323 -10.36 -15.71 -22.35
N TRP B 324 -11.48 -16.37 -22.11
CA TRP B 324 -11.53 -17.63 -21.38
C TRP B 324 -11.75 -18.72 -22.41
N VAL B 325 -10.76 -19.61 -22.56
CA VAL B 325 -10.70 -20.55 -23.69
C VAL B 325 -10.76 -21.97 -23.19
N ASP B 326 -11.80 -22.69 -23.59
CA ASP B 326 -11.98 -24.10 -23.28
C ASP B 326 -11.01 -24.94 -24.11
N ILE B 327 -10.08 -25.62 -23.45
CA ILE B 327 -9.10 -26.48 -24.13
C ILE B 327 -9.34 -27.95 -23.85
N SER B 328 -10.52 -28.29 -23.33
CA SER B 328 -10.78 -29.65 -22.86
C SER B 328 -10.54 -30.68 -23.96
N ALA B 329 -10.86 -30.35 -25.21
CA ALA B 329 -10.74 -31.31 -26.29
C ALA B 329 -9.31 -31.75 -26.51
N LEU B 330 -8.34 -30.97 -26.04
CA LEU B 330 -6.95 -31.37 -26.14
C LEU B 330 -6.59 -32.49 -25.16
N GLY B 331 -7.49 -32.82 -24.25
CA GLY B 331 -7.21 -33.90 -23.30
C GLY B 331 -6.01 -33.65 -22.42
N MET B 332 -5.76 -32.39 -22.06
CA MET B 332 -4.53 -32.02 -21.39
C MET B 332 -4.86 -31.05 -20.25
N ASN B 333 -4.33 -31.32 -19.06
CA ASN B 333 -4.55 -30.40 -17.95
C ASN B 333 -3.98 -29.03 -18.30
N ALA B 334 -4.76 -27.98 -18.03
CA ALA B 334 -4.37 -26.64 -18.49
C ALA B 334 -2.97 -26.26 -18.02
N GLU B 335 -2.59 -26.66 -16.81
CA GLU B 335 -1.24 -26.35 -16.35
C GLU B 335 -0.19 -27.03 -17.22
N ASP B 336 -0.44 -28.28 -17.60
CA ASP B 336 0.50 -28.97 -18.48
C ASP B 336 0.50 -28.34 -19.87
N PHE B 337 -0.66 -27.97 -20.38
CA PHE B 337 -0.73 -27.35 -21.69
C PHE B 337 0.03 -26.02 -21.71
N CYS B 338 -0.12 -25.22 -20.66
CA CYS B 338 0.52 -23.91 -20.68
C CYS B 338 2.03 -24.02 -20.60
N LYS B 339 2.51 -25.01 -19.83
CA LYS B 339 3.95 -25.31 -19.79
C LYS B 339 4.45 -25.76 -21.15
N TYR B 340 3.74 -26.70 -21.75
CA TYR B 340 4.11 -27.18 -23.09
C TYR B 340 4.10 -26.03 -24.08
N LEU B 341 3.00 -25.28 -24.07
CA LEU B 341 2.87 -24.18 -25.03
C LEU B 341 4.02 -23.20 -24.90
N ARG B 342 4.40 -22.86 -23.67
CA ARG B 342 5.51 -21.93 -23.48
C ARG B 342 6.81 -22.53 -24.01
N GLU B 343 7.05 -23.80 -23.72
CA GLU B 343 8.28 -24.45 -24.13
C GLU B 343 8.39 -24.56 -25.66
N LYS B 344 7.27 -24.85 -26.33
CA LYS B 344 7.35 -25.07 -27.77
C LYS B 344 7.23 -23.80 -28.59
N THR B 345 6.48 -22.78 -28.12
CA THR B 345 6.20 -21.60 -28.91
C THR B 345 6.65 -20.29 -28.27
N GLY B 346 6.93 -20.26 -26.98
CA GLY B 346 7.22 -19.02 -26.32
C GLY B 346 6.00 -18.25 -25.87
N LEU B 347 4.80 -18.68 -26.26
CA LEU B 347 3.57 -18.01 -25.82
C LEU B 347 3.28 -18.39 -24.37
N ILE B 348 3.05 -17.38 -23.54
CA ILE B 348 2.78 -17.58 -22.11
C ILE B 348 1.37 -17.11 -21.83
N ILE B 349 0.46 -18.05 -21.61
CA ILE B 349 -0.90 -17.70 -21.24
C ILE B 349 -1.14 -18.22 -19.82
N SER B 350 -2.31 -17.90 -19.27
CA SER B 350 -2.66 -18.29 -17.91
C SER B 350 -3.38 -19.64 -17.93
N ALA B 351 -2.82 -20.61 -17.23
CA ALA B 351 -3.57 -21.82 -16.93
C ALA B 351 -4.81 -21.49 -16.13
N GLY B 352 -5.91 -22.17 -16.43
CA GLY B 352 -7.11 -21.87 -15.67
C GLY B 352 -7.17 -22.50 -14.29
N ASN B 353 -6.23 -23.40 -13.96
CA ASN B 353 -6.28 -24.15 -12.71
C ASN B 353 -6.49 -23.27 -11.49
N GLY B 354 -5.72 -22.18 -11.39
CA GLY B 354 -5.74 -21.34 -10.21
C GLY B 354 -7.07 -20.64 -9.98
N TYR B 355 -7.92 -20.55 -11.00
CA TYR B 355 -9.26 -20.01 -10.81
C TYR B 355 -10.22 -21.05 -10.22
N ARG B 356 -9.76 -22.28 -10.03
CA ARG B 356 -10.58 -23.37 -9.49
C ARG B 356 -11.79 -23.57 -10.40
N GLY B 357 -12.94 -23.96 -9.82
CA GLY B 357 -14.05 -24.37 -10.67
C GLY B 357 -13.58 -25.45 -11.60
N ASN B 358 -13.93 -25.34 -12.88
CA ASN B 358 -13.43 -26.24 -13.91
C ASN B 358 -12.26 -25.63 -14.67
N GLY B 359 -11.50 -24.74 -14.01
CA GLY B 359 -10.45 -23.99 -14.68
C GLY B 359 -9.34 -24.85 -15.26
N HIS B 360 -9.19 -26.09 -14.79
CA HIS B 360 -8.16 -26.96 -15.34
C HIS B 360 -8.45 -27.34 -16.79
N GLU B 361 -9.64 -27.03 -17.30
CA GLU B 361 -10.01 -27.24 -18.70
C GLU B 361 -9.85 -25.99 -19.55
N PHE B 362 -9.30 -24.91 -18.98
CA PHE B 362 -9.34 -23.59 -19.62
C PHE B 362 -7.99 -22.92 -19.54
N VAL B 363 -7.74 -22.03 -20.49
CA VAL B 363 -6.67 -21.06 -20.39
C VAL B 363 -7.28 -19.67 -20.48
N ARG B 364 -6.63 -18.70 -19.85
CA ARG B 364 -7.04 -17.31 -19.95
C ARG B 364 -5.99 -16.55 -20.75
N ILE B 365 -6.43 -15.76 -21.74
CA ILE B 365 -5.53 -15.07 -22.64
C ILE B 365 -5.84 -13.57 -22.61
N ASN B 366 -4.80 -12.76 -22.40
CA ASN B 366 -4.89 -11.31 -22.32
C ASN B 366 -4.72 -10.72 -23.73
N LEU B 367 -5.76 -10.08 -24.24
CA LEU B 367 -5.73 -9.48 -25.56
C LEU B 367 -5.59 -7.97 -25.54
N ALA B 368 -5.22 -7.40 -24.40
CA ALA B 368 -5.01 -5.96 -24.32
C ALA B 368 -3.55 -5.65 -24.70
N CYS B 369 -3.25 -5.85 -25.98
CA CYS B 369 -1.95 -5.47 -26.50
C CYS B 369 -2.14 -5.16 -27.97
N PRO B 370 -1.15 -4.51 -28.60
CA PRO B 370 -1.27 -4.19 -30.03
C PRO B 370 -1.62 -5.42 -30.86
N LYS B 371 -2.35 -5.18 -31.95
CA LYS B 371 -2.86 -6.27 -32.76
C LYS B 371 -1.73 -7.17 -33.27
N GLU B 372 -0.55 -6.61 -33.54
CA GLU B 372 0.58 -7.45 -33.94
C GLU B 372 0.83 -8.56 -32.93
N LEU B 373 0.75 -8.24 -31.64
CA LEU B 373 0.96 -9.23 -30.59
C LEU B 373 -0.20 -10.22 -30.51
N VAL B 374 -1.44 -9.75 -30.76
CA VAL B 374 -2.57 -10.68 -30.81
C VAL B 374 -2.38 -11.68 -31.94
N ILE B 375 -2.00 -11.20 -33.12
CA ILE B 375 -1.76 -12.10 -34.24
C ILE B 375 -0.65 -13.09 -33.89
N ASP B 376 0.46 -12.57 -33.35
CA ASP B 376 1.58 -13.43 -32.94
C ASP B 376 1.09 -14.52 -31.97
N GLY B 377 0.40 -14.13 -30.91
CA GLY B 377 -0.05 -15.11 -29.93
C GLY B 377 -1.03 -16.13 -30.49
N MET B 378 -1.97 -15.68 -31.33
CA MET B 378 -2.94 -16.60 -31.89
C MET B 378 -2.27 -17.62 -32.79
N GLN B 379 -1.34 -17.18 -33.64
CA GLN B 379 -0.59 -18.10 -34.49
C GLN B 379 0.26 -19.05 -33.67
N ARG B 380 0.87 -18.57 -32.59
CA ARG B 380 1.62 -19.48 -31.72
C ARG B 380 0.72 -20.53 -31.10
N LEU B 381 -0.50 -20.12 -30.70
CA LEU B 381 -1.41 -21.08 -30.11
C LEU B 381 -1.79 -22.17 -31.10
N LYS B 382 -2.07 -21.77 -32.36
CA LYS B 382 -2.32 -22.78 -33.38
C LYS B 382 -1.10 -23.70 -33.55
N GLN B 383 0.09 -23.12 -33.62
CA GLN B 383 1.31 -23.92 -33.74
C GLN B 383 1.44 -24.90 -32.57
N GLY B 384 1.12 -24.46 -31.35
CA GLY B 384 1.18 -25.37 -30.21
C GLY B 384 0.19 -26.52 -30.34
N VAL B 385 -1.05 -26.20 -30.73
CA VAL B 385 -2.07 -27.24 -30.87
C VAL B 385 -1.69 -28.21 -31.98
N LEU B 386 -1.28 -27.68 -33.13
CA LEU B 386 -0.91 -28.55 -34.24
C LEU B 386 0.23 -29.48 -33.85
N ASN B 387 1.19 -28.97 -33.08
CA ASN B 387 2.32 -29.79 -32.64
C ASN B 387 1.88 -30.93 -31.73
N LEU B 388 0.73 -30.82 -31.06
CA LEU B 388 0.22 -31.93 -30.27
C LEU B 388 -0.35 -33.02 -31.17
N ASN B 389 -1.27 -32.66 -32.07
CA ASN B 389 -1.88 -33.61 -33.00
C ASN B 389 -0.87 -34.34 -33.88
N ASN B 390 0.40 -33.96 -33.85
CA ASN B 390 1.41 -34.64 -34.66
C ASN B 390 2.36 -35.44 -33.77
N OO0 C . 5.74 10.49 11.10
CA OO0 C . 5.71 10.87 12.46
CB OO0 C . 4.31 10.67 12.94
SG OO0 C . 4.06 12.40 13.08
O1 OO0 C . 5.17 13.13 12.72
C3 OO0 C . 2.52 13.17 13.68
C4 OO0 C . 2.92 14.26 14.65
C5 OO0 C . 2.06 14.72 15.52
C OO0 C . 6.86 10.58 13.44
OXT OO0 C . 6.59 10.41 14.61
O OO0 C . 8.07 10.57 13.19
N1 PLP D . 8.00 4.64 12.79
C2 PLP D . 8.41 5.75 13.38
C2A PLP D . 9.12 5.64 14.69
C3 PLP D . 8.18 7.00 12.79
O3 PLP D . 8.60 8.11 13.41
C4 PLP D . 7.50 7.05 11.55
C4A PLP D . 7.28 8.35 10.91
O4A PLP D . 8.13 9.04 10.39
C5 PLP D . 7.09 5.86 10.94
C6 PLP D . 7.37 4.69 11.60
C5A PLP D . 6.38 5.87 9.62
O4P PLP D . 6.15 4.53 9.06
P PLP D . 5.40 4.22 7.67
O1P PLP D . 4.73 5.52 7.27
O2P PLP D . 4.41 3.16 7.96
O3P PLP D . 6.51 3.80 6.66
N1 PLP E . -10.12 -8.02 -8.76
C2 PLP E . -10.20 -8.59 -9.95
C2A PLP E . -11.42 -9.38 -10.29
C3 PLP E . -9.14 -8.46 -10.86
O3 PLP E . -9.25 -9.05 -12.07
C4 PLP E . -8.00 -7.71 -10.51
C4A PLP E . -6.92 -7.56 -11.48
O4A PLP E . -7.00 -7.03 -12.56
C5 PLP E . -7.94 -7.11 -9.24
C6 PLP E . -9.02 -7.30 -8.41
C5A PLP E . -6.75 -6.31 -8.80
O4P PLP E . -7.03 -5.41 -7.67
P PLP E . -5.92 -4.45 -6.96
O1P PLP E . -4.64 -4.65 -7.75
O2P PLP E . -5.80 -4.93 -5.56
O3P PLP E . -6.45 -3.01 -7.09
#